data_5LBV
#
_entry.id   5LBV
#
_cell.length_a   64.628
_cell.length_b   213.566
_cell.length_c   124.024
_cell.angle_alpha   90.00
_cell.angle_beta   90.00
_cell.angle_gamma   90.00
#
_symmetry.space_group_name_H-M   'C 2 2 21'
#
loop_
_entity.id
_entity.type
_entity.pdbx_description
1 polymer 'envelope protein E'
2 branched alpha-D-mannopyranose-(1-3)-beta-D-mannopyranose-(1-4)-2-acetamido-2-deoxy-beta-D-glucopyranose-(1-4)-[alpha-L-fucopyranose-(1-6)]2-acetamido-2-deoxy-beta-D-glucopyranose
3 non-polymer 'SODIUM ION'
4 water water
#
_entity_poly.entity_id   1
_entity_poly.type   'polypeptide(L)'
_entity_poly.pdbx_seq_one_letter_code
;IRCIGVSNRDFVEGMSGGTWVDVVLEHGGCVTVMAQDKPTVDIELVTTTVSNMAEVRSYCYEASISDMASDSRCPTQGEA
YLDKQSDTQYVCKRTLVDRGWGNGCGLFGKGSLVTCAKFACSKKMTGKSIQPENLEYRIMLSVHGSQHSGMIVNDTGHET
DENRAKVEITPNSPRAEATLGGFGSLGLDCEPRTGLDFSDLYYLTMNNKHWLVHKEWFHDIPLPWHAGADTGTPHWNNKE
ALVEFKDAHAKRQTVVVLGSQEGAVHTALAGALEAEMDGAKGRLSSGHLKCRLKMDKLRLKGVSYSLCTAAFTFTKIPAE
TLHGTVTVEVQYAGTDGPCKVPAQMAVDMQTLTPVGRLITANPVITESTENSKMMLELDPPFGDSYIVIGVGEKKITHHW
HRSGSTIGGPFEDDDDKAGWSHPQFEKGGGSGGGSGGGSWSHPQFEK
;
_entity_poly.pdbx_strand_id   A,B
#
# COMPACT_ATOMS: atom_id res chain seq x y z
N ILE A 1 -19.15 43.60 1.69
CA ILE A 1 -20.14 42.74 2.33
C ILE A 1 -19.81 41.22 2.24
N ARG A 2 -18.72 40.84 1.52
CA ARG A 2 -18.35 39.43 1.32
C ARG A 2 -17.96 38.67 2.61
N CYS A 3 -17.52 39.39 3.67
CA CYS A 3 -17.14 38.77 4.96
C CYS A 3 -18.36 38.35 5.77
N ILE A 4 -19.55 38.88 5.46
CA ILE A 4 -20.77 38.58 6.20
C ILE A 4 -21.17 37.13 5.96
N GLY A 5 -21.09 36.32 7.00
CA GLY A 5 -21.34 34.89 6.90
C GLY A 5 -20.11 34.03 7.11
N VAL A 6 -18.92 34.62 6.91
CA VAL A 6 -17.62 33.97 7.09
C VAL A 6 -17.36 33.72 8.58
N SER A 7 -16.96 32.48 8.95
CA SER A 7 -16.70 32.13 10.34
C SER A 7 -15.40 32.73 10.82
N ASN A 8 -14.31 32.53 10.05
CA ASN A 8 -13.02 33.08 10.39
C ASN A 8 -12.98 34.50 9.81
N ARG A 9 -13.63 35.41 10.51
CA ARG A 9 -13.73 36.79 10.07
C ARG A 9 -13.08 37.68 11.10
N ASP A 10 -12.19 38.57 10.61
CA ASP A 10 -11.49 39.52 11.45
C ASP A 10 -11.98 40.94 11.20
N PHE A 11 -11.76 41.80 12.20
CA PHE A 11 -12.16 43.21 12.11
C PHE A 11 -10.96 44.06 12.45
N VAL A 12 -10.59 44.94 11.52
CA VAL A 12 -9.48 45.88 11.77
C VAL A 12 -10.00 47.30 11.67
N GLU A 13 -9.60 48.13 12.63
CA GLU A 13 -9.93 49.54 12.70
C GLU A 13 -8.66 50.38 12.44
N GLY A 14 -8.82 51.49 11.72
CA GLY A 14 -7.76 52.45 11.44
C GLY A 14 -7.76 53.60 12.43
N GLY A 18 -5.35 59.03 8.81
CA GLY A 18 -5.07 57.60 8.70
C GLY A 18 -4.78 57.21 7.27
N THR A 19 -3.49 56.94 6.95
CA THR A 19 -3.02 56.65 5.59
C THR A 19 -2.82 55.13 5.34
N TRP A 20 -2.27 54.38 6.29
CA TRP A 20 -2.06 52.95 6.08
C TRP A 20 -2.64 52.07 7.17
N VAL A 21 -3.26 50.95 6.79
CA VAL A 21 -3.76 49.90 7.68
C VAL A 21 -3.11 48.56 7.31
N ASP A 22 -2.53 47.86 8.31
CA ASP A 22 -1.93 46.54 8.08
C ASP A 22 -2.98 45.45 8.29
N VAL A 23 -3.06 44.52 7.31
CA VAL A 23 -4.05 43.43 7.24
C VAL A 23 -3.36 42.09 6.97
N VAL A 24 -3.79 41.04 7.70
CA VAL A 24 -3.28 39.69 7.55
C VAL A 24 -4.38 38.86 6.88
N LEU A 25 -4.15 38.44 5.63
CA LEU A 25 -5.08 37.67 4.80
C LEU A 25 -4.73 36.22 4.84
N GLU A 26 -5.66 35.40 5.35
CA GLU A 26 -5.49 33.95 5.47
C GLU A 26 -6.55 33.27 4.64
N HIS A 27 -6.25 32.07 4.15
CA HIS A 27 -7.17 31.24 3.36
C HIS A 27 -8.37 30.80 4.18
N GLY A 28 -9.56 31.03 3.62
CA GLY A 28 -10.84 30.74 4.27
C GLY A 28 -11.29 31.83 5.23
N GLY A 29 -10.39 32.80 5.46
CA GLY A 29 -10.61 33.96 6.31
C GLY A 29 -11.11 35.15 5.52
N CYS A 30 -11.51 36.21 6.20
CA CYS A 30 -11.98 37.46 5.59
C CYS A 30 -11.77 38.59 6.61
N VAL A 31 -11.35 39.77 6.13
CA VAL A 31 -11.09 40.94 6.99
C VAL A 31 -12.03 42.09 6.62
N THR A 32 -12.78 42.58 7.61
CA THR A 32 -13.62 43.76 7.49
C THR A 32 -12.71 44.88 8.00
N VAL A 33 -12.46 45.89 7.17
CA VAL A 33 -11.63 47.03 7.58
C VAL A 33 -12.51 48.28 7.68
N MET A 34 -12.36 48.99 8.81
CA MET A 34 -13.09 50.21 9.12
C MET A 34 -12.11 51.32 9.45
N ALA A 35 -12.47 52.55 9.12
CA ALA A 35 -11.66 53.74 9.37
C ALA A 35 -12.60 54.92 9.36
N GLN A 36 -12.35 55.89 10.26
CA GLN A 36 -13.19 57.06 10.34
C GLN A 36 -13.18 57.84 9.04
N ASP A 37 -14.40 58.20 8.56
CA ASP A 37 -14.69 58.98 7.35
C ASP A 37 -14.33 58.24 6.06
N LYS A 38 -14.15 56.93 6.18
CA LYS A 38 -13.83 56.04 5.07
C LYS A 38 -14.91 54.98 4.99
N PRO A 39 -15.28 54.47 3.79
CA PRO A 39 -16.25 53.37 3.76
C PRO A 39 -15.60 52.06 4.26
N THR A 40 -16.45 51.17 4.81
CA THR A 40 -16.03 49.84 5.32
C THR A 40 -15.75 48.93 4.13
N VAL A 41 -14.62 48.24 4.16
CA VAL A 41 -14.22 47.34 3.05
C VAL A 41 -13.93 45.93 3.55
N ASP A 42 -14.47 44.95 2.84
CA ASP A 42 -14.24 43.54 3.06
C ASP A 42 -13.15 43.07 2.08
N ILE A 43 -12.10 42.43 2.62
CA ILE A 43 -10.94 41.95 1.85
C ILE A 43 -10.68 40.48 2.16
N GLU A 44 -10.54 39.67 1.10
CA GLU A 44 -10.31 38.24 1.23
C GLU A 44 -9.29 37.68 0.24
N LEU A 45 -8.33 36.87 0.77
CA LEU A 45 -7.38 36.07 -0.01
C LEU A 45 -8.21 34.86 -0.41
N VAL A 46 -8.62 34.84 -1.67
CA VAL A 46 -9.53 33.86 -2.22
C VAL A 46 -8.77 32.57 -2.72
N THR A 47 -7.65 32.75 -3.45
CA THR A 47 -6.83 31.64 -3.95
C THR A 47 -5.34 32.01 -4.03
N THR A 48 -4.47 31.01 -3.84
CA THR A 48 -3.03 31.06 -4.03
C THR A 48 -2.77 29.99 -5.09
N THR A 49 -2.16 30.37 -6.21
CA THR A 49 -1.90 29.39 -7.27
C THR A 49 -0.44 29.42 -7.72
N VAL A 50 0.09 28.27 -8.13
CA VAL A 50 1.42 28.20 -8.68
C VAL A 50 1.23 27.74 -10.14
N SER A 51 1.84 28.49 -11.08
CA SER A 51 1.64 28.39 -12.52
C SER A 51 2.52 27.42 -13.33
N ASN A 52 3.82 27.31 -13.09
CA ASN A 52 4.63 26.51 -14.00
C ASN A 52 5.42 25.40 -13.35
N MET A 53 4.71 24.39 -12.85
CA MET A 53 5.34 23.28 -12.18
C MET A 53 5.96 22.26 -13.12
N ALA A 54 7.29 22.20 -13.09
CA ALA A 54 8.06 21.25 -13.88
C ALA A 54 8.16 19.89 -13.18
N GLU A 55 7.91 18.80 -13.92
CA GLU A 55 8.07 17.43 -13.41
C GLU A 55 9.55 17.22 -13.09
N VAL A 56 9.82 16.65 -11.92
CA VAL A 56 11.15 16.39 -11.41
C VAL A 56 11.45 14.91 -11.56
N ARG A 57 10.57 14.09 -11.00
CA ARG A 57 10.70 12.64 -10.95
C ARG A 57 9.33 12.03 -10.69
N SER A 58 9.03 10.92 -11.37
CA SER A 58 7.80 10.15 -11.17
C SER A 58 8.23 8.82 -10.58
N TYR A 59 7.41 8.25 -9.70
CA TYR A 59 7.63 6.96 -9.06
C TYR A 59 6.49 6.03 -9.43
N CYS A 60 6.82 4.76 -9.77
CA CYS A 60 5.84 3.71 -10.06
C CYS A 60 5.36 3.15 -8.75
N TYR A 61 4.02 3.12 -8.53
CA TYR A 61 3.47 2.54 -7.30
C TYR A 61 2.66 1.26 -7.56
N GLU A 62 2.42 0.93 -8.84
CA GLU A 62 1.74 -0.28 -9.30
C GLU A 62 2.36 -0.74 -10.61
N ALA A 63 2.97 -1.91 -10.58
CA ALA A 63 3.63 -2.47 -11.75
C ALA A 63 3.00 -3.79 -12.19
N SER A 64 3.40 -4.25 -13.36
CA SER A 64 2.98 -5.49 -13.97
C SER A 64 4.22 -6.13 -14.62
N ILE A 65 4.33 -7.48 -14.57
CA ILE A 65 5.44 -8.17 -15.20
C ILE A 65 4.94 -9.20 -16.21
N SER A 66 5.74 -9.44 -17.27
CA SER A 66 5.48 -10.42 -18.33
C SER A 66 6.82 -11.02 -18.84
N ASP A 67 6.76 -11.88 -19.88
CA ASP A 67 7.90 -12.51 -20.55
C ASP A 67 9.00 -13.00 -19.58
N MET A 68 8.61 -13.75 -18.54
CA MET A 68 9.55 -14.31 -17.56
C MET A 68 10.40 -15.44 -18.17
N ALA A 69 11.72 -15.36 -17.99
CA ALA A 69 12.66 -16.34 -18.53
C ALA A 69 13.85 -16.54 -17.59
N SER A 70 14.55 -17.66 -17.77
CA SER A 70 15.71 -18.05 -16.97
C SER A 70 16.83 -18.68 -17.80
N ASP A 71 18.05 -18.63 -17.25
CA ASP A 71 19.24 -19.27 -17.76
C ASP A 71 20.02 -19.77 -16.57
N SER A 72 20.57 -20.95 -16.72
CA SER A 72 21.34 -21.52 -15.67
C SER A 72 22.64 -22.14 -16.17
N ARG A 73 23.64 -22.16 -15.30
CA ARG A 73 24.91 -22.82 -15.59
C ARG A 73 25.28 -23.80 -14.48
N CYS A 74 26.08 -24.79 -14.83
CA CYS A 74 26.58 -25.77 -13.88
C CYS A 74 27.78 -25.23 -13.13
N PRO A 75 28.18 -25.81 -11.97
CA PRO A 75 29.38 -25.32 -11.30
C PRO A 75 30.59 -25.34 -12.25
N THR A 76 31.39 -24.27 -12.21
CA THR A 76 32.60 -24.04 -13.00
C THR A 76 32.32 -23.64 -14.49
N GLN A 77 31.03 -23.66 -14.94
CA GLN A 77 30.64 -23.28 -16.32
C GLN A 77 30.45 -21.73 -16.50
N GLY A 78 30.71 -20.96 -15.44
CA GLY A 78 30.63 -19.50 -15.49
C GLY A 78 29.23 -18.94 -15.32
N GLU A 79 29.09 -17.61 -15.50
CA GLU A 79 27.82 -16.88 -15.32
C GLU A 79 26.74 -17.16 -16.37
N ALA A 80 25.51 -17.32 -15.87
CA ALA A 80 24.28 -17.53 -16.63
C ALA A 80 23.99 -16.26 -17.47
N TYR A 81 23.42 -16.43 -18.66
CA TYR A 81 23.23 -15.32 -19.55
C TYR A 81 21.91 -15.34 -20.23
N LEU A 82 21.22 -14.19 -20.22
CA LEU A 82 19.99 -14.03 -20.96
C LEU A 82 20.17 -12.80 -21.78
N ASP A 83 19.69 -12.84 -23.03
CA ASP A 83 19.75 -11.73 -23.98
C ASP A 83 18.90 -10.54 -23.50
N LYS A 84 17.92 -10.78 -22.64
CA LYS A 84 17.05 -9.73 -22.13
C LYS A 84 17.66 -8.98 -20.91
N GLN A 85 18.85 -9.37 -20.45
CA GLN A 85 19.60 -8.76 -19.34
C GLN A 85 20.27 -7.45 -19.75
N SER A 86 20.18 -7.13 -21.05
CA SER A 86 20.65 -5.89 -21.63
C SER A 86 19.44 -5.09 -22.15
N ASP A 87 18.23 -5.65 -22.04
CA ASP A 87 17.04 -4.90 -22.40
C ASP A 87 16.73 -4.12 -21.12
N THR A 88 16.62 -2.80 -21.25
CA THR A 88 16.39 -1.89 -20.13
C THR A 88 14.99 -1.97 -19.56
N GLN A 89 14.05 -2.58 -20.30
CA GLN A 89 12.65 -2.76 -19.87
C GLN A 89 12.52 -3.97 -18.94
N TYR A 90 13.62 -4.74 -18.80
CA TYR A 90 13.66 -5.95 -17.99
C TYR A 90 14.29 -5.77 -16.63
N VAL A 91 13.78 -6.52 -15.65
CA VAL A 91 14.31 -6.60 -14.29
C VAL A 91 14.93 -7.99 -14.09
N CYS A 92 16.19 -8.03 -13.64
CA CYS A 92 16.88 -9.32 -13.50
C CYS A 92 17.48 -9.54 -12.11
N LYS A 93 17.61 -10.82 -11.76
CA LYS A 93 18.27 -11.25 -10.55
C LYS A 93 19.16 -12.39 -10.86
N ARG A 94 20.43 -12.25 -10.44
CA ARG A 94 21.50 -13.20 -10.60
C ARG A 94 21.76 -13.85 -9.23
N THR A 95 21.60 -15.20 -9.12
CA THR A 95 21.80 -15.94 -7.87
C THR A 95 22.67 -17.20 -8.05
N LEU A 96 22.91 -17.91 -6.94
CA LEU A 96 23.67 -19.15 -6.91
C LEU A 96 22.76 -20.25 -6.41
N VAL A 97 22.71 -21.35 -7.15
CA VAL A 97 21.84 -22.47 -6.79
C VAL A 97 22.65 -23.77 -6.68
N ASP A 98 22.22 -24.67 -5.77
CA ASP A 98 22.78 -26.00 -5.55
C ASP A 98 22.51 -26.86 -6.77
N ARG A 99 23.56 -27.38 -7.37
CA ARG A 99 23.51 -28.21 -8.57
C ARG A 99 24.21 -29.52 -8.32
N GLY A 100 23.82 -30.52 -9.11
CA GLY A 100 24.36 -31.86 -8.99
C GLY A 100 23.77 -32.78 -10.02
N TRP A 101 24.12 -34.09 -9.90
CA TRP A 101 23.65 -35.16 -10.77
C TRP A 101 22.12 -35.22 -10.86
N GLY A 102 21.44 -34.73 -9.84
CA GLY A 102 19.98 -34.70 -9.80
C GLY A 102 19.33 -33.68 -10.69
N ASN A 103 20.07 -32.64 -11.11
CA ASN A 103 19.45 -31.61 -11.94
C ASN A 103 20.29 -31.23 -13.17
N GLY A 104 21.17 -32.13 -13.59
CA GLY A 104 21.92 -32.03 -14.82
C GLY A 104 23.29 -31.43 -14.85
N CYS A 105 24.09 -31.68 -13.82
CA CYS A 105 25.50 -31.25 -13.77
C CYS A 105 26.38 -32.41 -13.46
N GLY A 106 27.57 -32.40 -14.00
CA GLY A 106 28.57 -33.43 -13.74
C GLY A 106 29.18 -33.28 -12.37
N LEU A 107 29.10 -32.06 -11.83
CA LEU A 107 29.68 -31.69 -10.54
C LEU A 107 28.60 -31.18 -9.57
N PHE A 108 28.94 -31.30 -8.29
CA PHE A 108 28.13 -30.89 -7.16
C PHE A 108 28.76 -29.64 -6.60
N GLY A 109 28.00 -28.55 -6.64
CA GLY A 109 28.43 -27.23 -6.19
C GLY A 109 27.41 -26.20 -6.60
N LYS A 110 27.74 -24.93 -6.42
CA LYS A 110 26.84 -23.84 -6.77
C LYS A 110 26.99 -23.45 -8.24
N GLY A 111 25.90 -23.43 -8.97
CA GLY A 111 25.84 -22.95 -10.33
C GLY A 111 25.18 -21.57 -10.37
N SER A 112 25.38 -20.82 -11.48
CA SER A 112 24.82 -19.49 -11.69
C SER A 112 23.40 -19.59 -12.29
N LEU A 113 22.48 -18.76 -11.79
CA LEU A 113 21.12 -18.65 -12.29
C LEU A 113 20.75 -17.18 -12.49
N VAL A 114 20.12 -16.85 -13.64
CA VAL A 114 19.64 -15.50 -13.96
C VAL A 114 18.18 -15.59 -14.36
N THR A 115 17.34 -14.73 -13.79
CA THR A 115 15.90 -14.65 -14.05
C THR A 115 15.62 -13.22 -14.43
N CYS A 116 14.86 -13.04 -15.52
CA CYS A 116 14.48 -11.74 -16.07
C CYS A 116 12.98 -11.67 -16.36
N ALA A 117 12.38 -10.51 -16.13
CA ALA A 117 10.94 -10.24 -16.36
C ALA A 117 10.78 -8.87 -16.97
N LYS A 118 9.85 -8.73 -17.94
CA LYS A 118 9.57 -7.43 -18.54
C LYS A 118 8.70 -6.64 -17.58
N PHE A 119 9.22 -5.49 -17.14
CA PHE A 119 8.58 -4.58 -16.20
C PHE A 119 7.75 -3.54 -16.92
N ALA A 120 6.51 -3.36 -16.44
CA ALA A 120 5.62 -2.32 -16.97
C ALA A 120 4.97 -1.57 -15.84
N CYS A 121 4.91 -0.23 -15.94
CA CYS A 121 4.21 0.52 -14.91
C CYS A 121 2.73 0.64 -15.31
N SER A 122 1.84 0.44 -14.34
CA SER A 122 0.38 0.57 -14.51
C SER A 122 -0.05 1.96 -14.03
N LYS A 123 0.50 2.36 -12.87
CA LYS A 123 0.18 3.61 -12.23
C LYS A 123 1.41 4.22 -11.59
N LYS A 124 1.60 5.53 -11.84
CA LYS A 124 2.73 6.32 -11.33
C LYS A 124 2.25 7.61 -10.69
N MET A 125 3.08 8.14 -9.75
CA MET A 125 2.88 9.39 -9.03
C MET A 125 3.95 10.39 -9.50
N THR A 126 3.59 11.62 -9.76
CA THR A 126 4.59 12.58 -10.25
C THR A 126 4.86 13.70 -9.25
N GLY A 127 6.13 14.01 -9.07
CA GLY A 127 6.60 15.11 -8.23
C GLY A 127 7.07 16.25 -9.09
N LYS A 128 6.54 17.47 -8.82
CA LYS A 128 6.79 18.71 -9.55
C LYS A 128 7.45 19.79 -8.68
N SER A 129 8.28 20.64 -9.32
CA SER A 129 9.01 21.76 -8.69
C SER A 129 8.17 23.03 -8.60
N ILE A 130 8.36 23.79 -7.51
CA ILE A 130 7.65 25.04 -7.30
C ILE A 130 8.65 26.16 -7.24
N GLN A 131 8.52 27.08 -8.19
CA GLN A 131 9.39 28.25 -8.25
C GLN A 131 8.71 29.40 -7.52
N PRO A 132 9.39 30.02 -6.52
CA PRO A 132 8.74 31.07 -5.72
C PRO A 132 8.09 32.21 -6.51
N GLU A 133 8.69 32.58 -7.66
CA GLU A 133 8.24 33.63 -8.56
C GLU A 133 6.89 33.31 -9.22
N ASN A 134 6.59 32.01 -9.39
CA ASN A 134 5.39 31.48 -10.04
C ASN A 134 4.14 31.40 -9.15
N LEU A 135 4.14 32.11 -8.02
CA LEU A 135 2.99 32.17 -7.11
C LEU A 135 2.13 33.37 -7.49
N GLU A 136 0.79 33.19 -7.43
CA GLU A 136 -0.22 34.21 -7.72
C GLU A 136 -1.25 34.23 -6.63
N TYR A 137 -1.48 35.39 -6.03
CA TYR A 137 -2.47 35.58 -4.97
C TYR A 137 -3.62 36.38 -5.53
N ARG A 138 -4.83 35.84 -5.41
CA ARG A 138 -6.02 36.53 -5.86
C ARG A 138 -6.75 37.03 -4.63
N ILE A 139 -6.95 38.35 -4.58
CA ILE A 139 -7.65 39.06 -3.49
C ILE A 139 -8.95 39.64 -4.03
N MET A 140 -10.06 39.40 -3.33
CA MET A 140 -11.37 39.99 -3.66
C MET A 140 -11.71 41.11 -2.67
N LEU A 141 -12.19 42.25 -3.18
CA LEU A 141 -12.59 43.44 -2.40
C LEU A 141 -14.10 43.65 -2.51
N SER A 142 -14.77 44.00 -1.40
CA SER A 142 -16.19 44.32 -1.47
C SER A 142 -16.59 45.35 -0.42
N VAL A 143 -16.89 46.58 -0.88
CA VAL A 143 -17.32 47.69 -0.06
C VAL A 143 -18.72 47.43 0.53
N HIS A 144 -18.95 48.01 1.72
CA HIS A 144 -20.21 48.10 2.45
C HIS A 144 -20.91 49.31 1.80
N GLY A 145 -21.40 49.12 0.57
CA GLY A 145 -21.95 50.20 -0.24
C GLY A 145 -23.46 50.37 -0.25
N SER A 146 -24.16 49.76 0.77
CA SER A 146 -25.61 49.79 1.07
C SER A 146 -26.47 48.93 0.13
N GLN A 147 -25.84 47.88 -0.44
CA GLN A 147 -26.43 46.91 -1.37
C GLN A 147 -27.69 46.28 -0.80
N HIS A 148 -28.68 45.98 -1.66
CA HIS A 148 -29.90 45.26 -1.30
C HIS A 148 -29.50 43.76 -1.34
N SER A 149 -30.43 42.86 -0.91
CA SER A 149 -30.24 41.41 -0.88
C SER A 149 -30.10 40.78 -2.28
N GLY A 150 -30.62 41.47 -3.31
CA GLY A 150 -30.51 41.08 -4.71
C GLY A 150 -29.20 41.53 -5.33
N MET A 151 -28.29 42.08 -4.49
CA MET A 151 -26.92 42.53 -4.77
C MET A 151 -25.97 41.80 -3.78
N ILE A 152 -26.57 40.99 -2.87
CA ILE A 152 -25.90 40.16 -1.86
C ILE A 152 -25.57 38.81 -2.49
N ASP A 155 -20.06 37.07 -7.04
CA ASP A 155 -18.61 37.25 -7.16
C ASP A 155 -18.14 37.66 -8.58
N THR A 156 -18.87 37.23 -9.61
CA THR A 156 -18.62 37.52 -11.04
C THR A 156 -19.33 38.84 -11.44
N GLY A 157 -18.65 39.67 -12.23
CA GLY A 157 -19.18 40.96 -12.67
C GLY A 157 -18.69 42.11 -11.81
N HIS A 158 -17.49 41.94 -11.25
CA HIS A 158 -16.79 42.90 -10.37
C HIS A 158 -16.15 44.07 -11.14
N GLU A 159 -15.90 43.87 -12.45
CA GLU A 159 -15.31 44.88 -13.33
C GLU A 159 -16.31 46.00 -13.67
N THR A 160 -17.62 45.67 -13.65
CA THR A 160 -18.73 46.57 -13.96
C THR A 160 -19.56 46.97 -12.69
N ASP A 161 -19.16 46.51 -11.48
CA ASP A 161 -19.80 46.85 -10.20
C ASP A 161 -18.78 47.51 -9.25
N GLU A 162 -18.93 48.85 -8.99
CA GLU A 162 -17.99 49.68 -8.19
C GLU A 162 -17.68 49.14 -6.79
N ASN A 163 -18.64 48.42 -6.17
CA ASN A 163 -18.50 47.83 -4.85
C ASN A 163 -17.55 46.69 -4.79
N ARG A 164 -17.22 46.05 -5.94
CA ARG A 164 -16.36 44.87 -6.01
C ARG A 164 -15.10 45.03 -6.87
N ALA A 165 -14.02 44.35 -6.48
CA ALA A 165 -12.75 44.38 -7.22
C ALA A 165 -11.94 43.11 -7.03
N LYS A 166 -11.26 42.70 -8.11
CA LYS A 166 -10.34 41.56 -8.12
C LYS A 166 -8.93 42.13 -8.21
N VAL A 167 -8.09 41.83 -7.22
CA VAL A 167 -6.69 42.22 -7.18
C VAL A 167 -5.82 40.94 -7.37
N GLU A 168 -4.80 41.05 -8.24
CA GLU A 168 -3.84 39.99 -8.49
C GLU A 168 -2.49 40.42 -7.94
N ILE A 169 -1.96 39.67 -6.96
CA ILE A 169 -0.67 39.96 -6.32
C ILE A 169 0.31 38.82 -6.67
N THR A 170 1.50 39.18 -7.12
CA THR A 170 2.55 38.20 -7.39
C THR A 170 3.84 38.66 -6.69
N PRO A 171 4.83 37.77 -6.39
CA PRO A 171 6.10 38.26 -5.78
C PRO A 171 6.76 39.40 -6.55
N ASN A 172 6.73 39.35 -7.91
CA ASN A 172 7.28 40.37 -8.83
C ASN A 172 6.49 41.68 -8.86
N SER A 173 5.18 41.63 -8.61
CA SER A 173 4.30 42.79 -8.57
C SER A 173 3.50 42.77 -7.24
N PRO A 174 4.19 43.07 -6.10
CA PRO A 174 3.51 43.04 -4.79
C PRO A 174 2.53 44.19 -4.54
N ARG A 175 2.67 45.29 -5.27
CA ARG A 175 1.84 46.49 -5.14
C ARG A 175 0.77 46.55 -6.24
N ALA A 176 -0.45 46.95 -5.89
CA ALA A 176 -1.54 47.12 -6.83
C ALA A 176 -2.46 48.25 -6.36
N GLU A 177 -3.26 48.80 -7.27
CA GLU A 177 -4.23 49.84 -6.94
C GLU A 177 -5.60 49.37 -7.49
N ALA A 178 -6.63 49.39 -6.63
CA ALA A 178 -7.98 48.92 -6.99
C ALA A 178 -9.02 50.03 -7.00
N THR A 179 -9.53 50.36 -8.20
CA THR A 179 -10.55 51.42 -8.35
C THR A 179 -11.91 50.91 -7.91
N LEU A 180 -12.61 51.73 -7.10
CA LEU A 180 -13.91 51.41 -6.52
C LEU A 180 -14.97 52.43 -6.89
N GLY A 181 -14.99 52.79 -8.17
CA GLY A 181 -15.89 53.80 -8.72
C GLY A 181 -15.89 55.06 -7.88
N GLY A 182 -17.09 55.41 -7.39
CA GLY A 182 -17.36 56.57 -6.54
C GLY A 182 -16.71 56.52 -5.18
N PHE A 183 -16.22 55.34 -4.75
CA PHE A 183 -15.50 55.17 -3.48
C PHE A 183 -14.01 55.52 -3.60
N GLY A 184 -13.60 55.96 -4.79
CA GLY A 184 -12.21 56.28 -5.08
C GLY A 184 -11.39 55.02 -5.32
N SER A 185 -10.31 54.86 -4.56
CA SER A 185 -9.45 53.68 -4.74
C SER A 185 -8.70 53.27 -3.48
N LEU A 186 -8.26 52.00 -3.48
CA LEU A 186 -7.46 51.40 -2.42
C LEU A 186 -6.20 50.89 -3.00
N GLY A 187 -5.12 51.17 -2.30
CA GLY A 187 -3.80 50.68 -2.67
C GLY A 187 -3.45 49.49 -1.80
N LEU A 188 -2.80 48.49 -2.39
CA LEU A 188 -2.39 47.25 -1.70
C LEU A 188 -0.90 47.00 -1.94
N ASP A 189 -0.13 46.78 -0.85
CA ASP A 189 1.29 46.46 -0.88
C ASP A 189 1.52 45.25 0.05
N CYS A 190 1.54 44.06 -0.56
CA CYS A 190 1.62 42.77 0.14
C CYS A 190 2.98 42.14 0.17
N GLU A 191 3.23 41.36 1.22
CA GLU A 191 4.44 40.61 1.45
C GLU A 191 4.10 39.11 1.33
N PRO A 192 4.50 38.46 0.21
CA PRO A 192 4.22 37.01 0.07
C PRO A 192 4.95 36.20 1.14
N ARG A 193 6.33 36.26 1.12
CA ARG A 193 7.38 35.65 1.97
C ARG A 193 6.90 34.69 3.09
N THR A 194 5.98 35.15 3.98
CA THR A 194 5.36 34.42 5.11
C THR A 194 4.53 33.17 4.66
N GLY A 195 3.92 33.25 3.48
CA GLY A 195 3.11 32.18 2.92
C GLY A 195 3.96 31.03 2.43
N ASP A 200 12.60 23.70 -0.31
CA ASP A 200 12.66 22.35 0.28
C ASP A 200 11.34 21.56 0.04
N LEU A 201 10.40 22.12 -0.74
CA LEU A 201 9.15 21.41 -1.03
C LEU A 201 9.01 20.96 -2.50
N TYR A 202 8.13 19.97 -2.74
CA TYR A 202 7.73 19.44 -4.04
C TYR A 202 6.21 19.29 -4.05
N TYR A 203 5.62 19.40 -5.24
CA TYR A 203 4.19 19.24 -5.46
C TYR A 203 4.02 17.81 -5.94
N LEU A 204 3.38 16.97 -5.11
CA LEU A 204 3.17 15.56 -5.40
C LEU A 204 1.75 15.25 -5.85
N THR A 205 1.62 14.47 -6.96
CA THR A 205 0.32 14.00 -7.46
C THR A 205 0.32 12.49 -7.59
N MET A 206 -0.68 11.88 -6.98
CA MET A 206 -0.94 10.47 -7.02
C MET A 206 -2.44 10.27 -7.11
N ASN A 207 -2.92 9.79 -8.28
CA ASN A 207 -4.33 9.44 -8.55
C ASN A 207 -5.33 10.54 -8.15
N ASN A 208 -5.16 11.75 -8.73
CA ASN A 208 -5.98 12.94 -8.50
C ASN A 208 -6.02 13.37 -7.01
N LYS A 209 -4.93 13.09 -6.27
CA LYS A 209 -4.72 13.49 -4.86
C LYS A 209 -3.36 14.21 -4.82
N HIS A 210 -3.29 15.40 -4.18
CA HIS A 210 -2.08 16.23 -4.20
C HIS A 210 -1.57 16.62 -2.84
N TRP A 211 -0.27 16.80 -2.74
CA TRP A 211 0.36 17.19 -1.48
C TRP A 211 1.55 18.04 -1.76
N LEU A 212 1.97 18.75 -0.72
CA LEU A 212 3.22 19.51 -0.68
C LEU A 212 4.12 18.71 0.26
N VAL A 213 5.15 18.11 -0.32
CA VAL A 213 6.07 17.20 0.35
C VAL A 213 7.50 17.75 0.46
N HIS A 214 8.27 17.27 1.44
CA HIS A 214 9.66 17.69 1.59
C HIS A 214 10.54 17.07 0.46
N LYS A 215 11.63 17.77 0.11
CA LYS A 215 12.59 17.38 -0.92
C LYS A 215 13.30 16.07 -0.54
N GLU A 216 13.86 16.02 0.69
CA GLU A 216 14.57 14.86 1.27
C GLU A 216 13.69 13.64 1.33
N TRP A 217 12.40 13.81 1.71
CA TRP A 217 11.46 12.70 1.80
C TRP A 217 11.17 12.14 0.41
N PHE A 218 10.86 13.03 -0.57
CA PHE A 218 10.55 12.63 -1.94
C PHE A 218 11.67 11.83 -2.60
N HIS A 219 12.92 12.25 -2.43
CA HIS A 219 14.04 11.57 -3.08
C HIS A 219 14.38 10.21 -2.48
N ASP A 220 14.04 9.99 -1.21
CA ASP A 220 14.33 8.72 -0.53
C ASP A 220 13.14 7.72 -0.58
N ILE A 221 12.15 7.94 -1.50
CA ILE A 221 11.00 7.02 -1.68
C ILE A 221 11.49 5.71 -2.30
N PRO A 222 11.32 4.56 -1.63
CA PRO A 222 11.82 3.31 -2.21
C PRO A 222 10.86 2.68 -3.23
N LEU A 223 10.76 3.27 -4.44
CA LEU A 223 9.91 2.76 -5.53
C LEU A 223 10.64 2.99 -6.85
N PRO A 224 10.29 2.29 -7.96
CA PRO A 224 10.96 2.55 -9.25
C PRO A 224 10.68 3.96 -9.76
N TRP A 225 11.69 4.69 -10.27
CA TRP A 225 11.54 6.08 -10.70
C TRP A 225 12.16 6.40 -12.07
N HIS A 226 11.67 7.46 -12.71
CA HIS A 226 12.24 7.99 -13.95
C HIS A 226 12.38 9.51 -13.83
N ALA A 227 13.30 10.12 -14.59
CA ALA A 227 13.49 11.57 -14.51
C ALA A 227 12.75 12.41 -15.58
N GLY A 228 12.05 13.45 -15.12
CA GLY A 228 11.35 14.45 -15.94
C GLY A 228 10.31 13.88 -16.89
N THR A 233 8.20 3.53 -23.31
CA THR A 233 9.07 4.68 -23.54
C THR A 233 9.84 5.16 -22.28
N PRO A 234 9.32 5.18 -21.01
CA PRO A 234 10.18 5.64 -19.91
C PRO A 234 11.12 4.57 -19.36
N HIS A 235 12.31 5.00 -18.93
CA HIS A 235 13.28 4.13 -18.29
C HIS A 235 13.09 4.11 -16.78
N TRP A 236 12.69 2.98 -16.24
CA TRP A 236 12.49 2.87 -14.81
C TRP A 236 13.76 2.43 -14.09
N ASN A 237 14.24 3.28 -13.17
CA ASN A 237 15.41 3.02 -12.32
C ASN A 237 14.87 2.35 -11.07
N ASN A 238 15.57 1.33 -10.57
CA ASN A 238 15.20 0.57 -9.37
C ASN A 238 13.84 -0.19 -9.52
N LYS A 239 13.66 -0.93 -10.64
CA LYS A 239 12.46 -1.76 -10.88
C LYS A 239 12.35 -2.84 -9.80
N GLU A 240 13.52 -3.20 -9.20
CA GLU A 240 13.67 -4.20 -8.12
C GLU A 240 12.76 -3.91 -6.93
N ALA A 241 12.47 -2.62 -6.70
CA ALA A 241 11.59 -2.19 -5.62
C ALA A 241 10.16 -2.74 -5.72
N LEU A 242 9.61 -2.90 -6.94
CA LEU A 242 8.24 -3.37 -7.11
C LEU A 242 8.14 -4.86 -7.47
N VAL A 243 9.28 -5.57 -7.50
CA VAL A 243 9.31 -7.01 -7.77
C VAL A 243 9.82 -7.76 -6.55
N GLU A 244 9.74 -9.07 -6.65
CA GLU A 244 10.18 -10.01 -5.64
C GLU A 244 10.57 -11.26 -6.38
N PHE A 245 11.85 -11.67 -6.22
CA PHE A 245 12.38 -12.90 -6.81
C PHE A 245 12.47 -13.97 -5.72
N LYS A 246 11.61 -14.99 -5.76
CA LYS A 246 11.62 -16.04 -4.74
C LYS A 246 12.30 -17.24 -5.36
N ASP A 247 13.34 -17.81 -4.68
CA ASP A 247 13.98 -19.01 -5.24
C ASP A 247 13.02 -20.19 -5.19
N ALA A 248 12.86 -20.88 -6.35
CA ALA A 248 11.93 -22.01 -6.54
C ALA A 248 12.61 -23.33 -6.93
N HIS A 249 13.56 -23.28 -7.89
CA HIS A 249 14.28 -24.45 -8.37
C HIS A 249 15.74 -24.13 -8.83
N ALA A 250 16.43 -25.14 -9.40
CA ALA A 250 17.80 -25.04 -9.86
C ALA A 250 17.94 -24.30 -11.21
N LYS A 251 16.93 -24.41 -12.08
CA LYS A 251 16.89 -23.81 -13.41
C LYS A 251 15.83 -22.71 -13.53
N ARG A 252 15.07 -22.47 -12.43
CA ARG A 252 14.00 -21.46 -12.36
C ARG A 252 13.91 -20.80 -10.98
N GLN A 253 13.57 -19.52 -11.01
CA GLN A 253 13.36 -18.65 -9.87
C GLN A 253 12.05 -17.94 -10.17
N THR A 254 11.08 -17.98 -9.24
CA THR A 254 9.82 -17.30 -9.50
C THR A 254 9.98 -15.81 -9.26
N VAL A 255 9.33 -15.04 -10.11
CA VAL A 255 9.34 -13.59 -10.00
C VAL A 255 7.91 -13.13 -9.93
N VAL A 256 7.60 -12.26 -8.96
CA VAL A 256 6.25 -11.76 -8.73
C VAL A 256 6.23 -10.25 -8.39
N VAL A 257 5.18 -9.54 -8.84
CA VAL A 257 5.00 -8.13 -8.53
C VAL A 257 4.53 -7.96 -7.07
N LEU A 258 5.02 -6.90 -6.41
CA LEU A 258 4.75 -6.55 -5.02
C LEU A 258 3.31 -6.02 -4.74
N GLY A 259 2.58 -5.63 -5.76
CA GLY A 259 1.23 -5.12 -5.55
C GLY A 259 1.25 -3.61 -5.33
N SER A 260 0.10 -2.95 -5.58
CA SER A 260 -0.05 -1.50 -5.47
C SER A 260 0.36 -0.92 -4.11
N GLN A 261 1.19 0.12 -4.14
CA GLN A 261 1.72 0.86 -2.98
C GLN A 261 0.94 2.17 -2.70
N GLU A 262 -0.21 2.39 -3.40
CA GLU A 262 -1.06 3.58 -3.22
C GLU A 262 -1.44 3.85 -1.74
N GLY A 263 -1.93 2.82 -1.06
CA GLY A 263 -2.32 2.88 0.34
C GLY A 263 -1.19 3.21 1.29
N ALA A 264 -0.04 2.48 1.16
CA ALA A 264 1.20 2.65 1.94
C ALA A 264 1.75 4.07 1.82
N VAL A 265 1.78 4.60 0.59
CA VAL A 265 2.24 5.96 0.27
C VAL A 265 1.30 6.97 0.91
N HIS A 266 -0.02 6.72 0.78
CA HIS A 266 -1.08 7.57 1.34
C HIS A 266 -0.96 7.68 2.85
N THR A 267 -0.71 6.55 3.55
CA THR A 267 -0.60 6.59 5.01
C THR A 267 0.74 7.22 5.46
N ALA A 268 1.79 7.12 4.62
CA ALA A 268 3.10 7.73 4.87
C ALA A 268 2.98 9.27 4.77
N LEU A 269 2.03 9.75 3.93
CA LEU A 269 1.71 11.16 3.69
C LEU A 269 0.77 11.77 4.74
N ALA A 270 0.43 11.00 5.80
CA ALA A 270 -0.42 11.48 6.87
C ALA A 270 0.27 12.67 7.57
N GLY A 271 -0.52 13.68 7.95
CA GLY A 271 -0.01 14.89 8.59
C GLY A 271 0.57 15.90 7.62
N ALA A 272 1.18 15.42 6.49
CA ALA A 272 1.78 16.24 5.42
C ALA A 272 0.71 17.12 4.78
N LEU A 273 1.11 18.34 4.34
CA LEU A 273 0.21 19.33 3.74
C LEU A 273 -0.39 18.87 2.43
N GLU A 274 -1.72 18.90 2.36
CA GLU A 274 -2.49 18.51 1.17
C GLU A 274 -2.79 19.72 0.31
N ALA A 275 -2.80 19.53 -1.00
CA ALA A 275 -3.02 20.57 -1.99
C ALA A 275 -4.16 20.20 -2.96
N GLU A 276 -4.42 21.06 -3.94
CA GLU A 276 -5.53 20.91 -4.87
C GLU A 276 -5.04 21.36 -6.24
N MET A 277 -5.88 21.13 -7.27
CA MET A 277 -5.57 21.57 -8.63
C MET A 277 -6.65 22.54 -9.12
N ASP A 278 -6.27 23.45 -10.03
CA ASP A 278 -7.16 24.45 -10.66
C ASP A 278 -6.73 24.49 -12.13
N GLY A 279 -7.07 23.42 -12.84
CA GLY A 279 -6.69 23.23 -14.23
C GLY A 279 -5.31 22.63 -14.30
N ALA A 280 -4.37 23.33 -14.95
CA ALA A 280 -2.98 22.86 -15.05
C ALA A 280 -2.12 23.55 -13.96
N LYS A 281 -2.77 24.37 -13.09
CA LYS A 281 -2.11 25.12 -12.02
C LYS A 281 -2.42 24.51 -10.67
N GLY A 282 -1.41 24.50 -9.79
CA GLY A 282 -1.54 24.00 -8.42
C GLY A 282 -2.19 25.04 -7.54
N ARG A 283 -3.01 24.62 -6.57
CA ARG A 283 -3.68 25.56 -5.69
C ARG A 283 -3.33 25.29 -4.25
N LEU A 284 -2.74 26.29 -3.60
CA LEU A 284 -2.35 26.20 -2.21
C LEU A 284 -3.55 26.52 -1.32
N SER A 285 -4.11 25.44 -0.70
CA SER A 285 -5.28 25.47 0.19
C SER A 285 -4.99 26.30 1.43
N SER A 286 -3.72 26.35 1.85
CA SER A 286 -3.26 27.07 3.03
C SER A 286 -2.23 28.09 2.62
N GLY A 287 -2.44 29.29 3.09
CA GLY A 287 -1.57 30.42 2.82
C GLY A 287 -1.90 31.57 3.75
N HIS A 288 -0.95 32.50 3.84
CA HIS A 288 -0.98 33.69 4.68
C HIS A 288 -0.30 34.86 3.89
N LEU A 289 -0.95 36.02 3.89
CA LEU A 289 -0.46 37.19 3.15
C LEU A 289 -0.62 38.49 3.94
N LYS A 290 0.50 39.19 4.21
CA LYS A 290 0.50 40.46 4.95
C LYS A 290 0.38 41.62 3.97
N CYS A 291 -0.69 42.42 4.06
CA CYS A 291 -0.86 43.59 3.18
C CYS A 291 -0.93 44.89 3.93
N ARG A 292 -0.36 45.94 3.34
CA ARG A 292 -0.47 47.30 3.85
C ARG A 292 -1.44 47.99 2.89
N LEU A 293 -2.55 48.52 3.42
CA LEU A 293 -3.57 49.17 2.58
C LEU A 293 -3.45 50.68 2.62
N LYS A 294 -3.47 51.33 1.43
CA LYS A 294 -3.37 52.79 1.30
C LYS A 294 -4.77 53.33 1.29
N MET A 295 -5.11 54.10 2.32
CA MET A 295 -6.42 54.68 2.60
C MET A 295 -6.65 56.12 2.10
N ASP A 296 -5.59 56.88 1.71
CA ASP A 296 -5.66 58.30 1.25
C ASP A 296 -6.69 58.57 0.16
N LYS A 297 -6.79 57.65 -0.83
CA LYS A 297 -7.68 57.78 -2.01
C LYS A 297 -9.03 57.10 -1.81
N LEU A 298 -9.26 56.51 -0.65
CA LEU A 298 -10.55 55.92 -0.35
C LEU A 298 -11.51 57.01 0.11
N ARG A 299 -12.72 57.00 -0.45
CA ARG A 299 -13.69 58.05 -0.13
C ARG A 299 -15.10 57.54 0.07
N LEU A 300 -15.80 58.14 1.03
CA LEU A 300 -17.20 57.84 1.26
C LEU A 300 -18.00 58.54 0.19
N LYS A 301 -18.99 57.85 -0.35
CA LYS A 301 -19.93 58.42 -1.31
C LYS A 301 -21.02 59.10 -0.50
N GLY A 302 -21.49 60.23 -0.98
CA GLY A 302 -22.63 60.88 -0.37
C GLY A 302 -22.54 61.46 1.03
N VAL A 303 -21.54 62.30 1.27
CA VAL A 303 -21.43 63.00 2.56
C VAL A 303 -22.34 64.26 2.51
N SER A 304 -22.61 64.75 1.28
CA SER A 304 -23.48 65.88 0.94
C SER A 304 -24.95 65.50 1.14
N TYR A 305 -25.27 64.19 1.24
CA TYR A 305 -26.64 63.69 1.38
C TYR A 305 -27.29 64.13 2.67
N SER A 306 -28.59 64.35 2.61
CA SER A 306 -29.37 64.74 3.78
C SER A 306 -29.89 63.45 4.38
N LEU A 307 -30.29 63.48 5.66
CA LEU A 307 -30.88 62.35 6.35
C LEU A 307 -32.23 62.04 5.70
N CYS A 308 -32.55 60.74 5.51
CA CYS A 308 -33.84 60.34 4.93
C CYS A 308 -34.95 60.76 5.87
N THR A 309 -35.96 61.43 5.34
CA THR A 309 -37.04 61.97 6.17
C THR A 309 -38.27 61.03 6.26
N ALA A 310 -38.55 60.23 5.20
CA ALA A 310 -39.71 59.33 5.15
C ALA A 310 -39.56 58.02 5.95
N ALA A 311 -40.62 57.17 5.94
CA ALA A 311 -40.69 55.92 6.68
C ALA A 311 -40.00 54.72 6.04
N PHE A 312 -39.35 53.91 6.89
CA PHE A 312 -38.66 52.66 6.58
C PHE A 312 -39.50 51.50 7.07
N THR A 313 -39.35 50.32 6.46
CA THR A 313 -40.03 49.07 6.85
C THR A 313 -39.07 47.92 6.69
N PHE A 314 -38.98 47.03 7.69
CA PHE A 314 -38.09 45.85 7.61
C PHE A 314 -38.59 44.86 6.54
N THR A 315 -37.73 44.57 5.54
CA THR A 315 -38.02 43.63 4.46
C THR A 315 -37.61 42.26 4.93
N LYS A 316 -36.43 42.18 5.56
CA LYS A 316 -35.85 40.98 6.14
C LYS A 316 -35.79 41.17 7.66
N ILE A 317 -36.01 40.08 8.41
CA ILE A 317 -35.92 40.09 9.88
C ILE A 317 -34.43 40.21 10.27
N PRO A 318 -34.08 41.16 11.20
CA PRO A 318 -32.68 41.27 11.65
C PRO A 318 -32.13 39.91 12.10
N ALA A 319 -30.97 39.56 11.55
CA ALA A 319 -30.27 38.32 11.84
C ALA A 319 -28.86 38.56 12.35
N GLU A 320 -28.52 37.89 13.45
CA GLU A 320 -27.24 37.87 14.17
C GLU A 320 -26.23 37.00 13.40
N THR A 321 -25.01 37.50 13.22
CA THR A 321 -23.95 36.72 12.57
C THR A 321 -23.21 35.93 13.66
N LEU A 322 -22.27 35.03 13.28
CA LEU A 322 -21.45 34.26 14.22
C LEU A 322 -20.71 35.11 15.27
N HIS A 323 -20.36 36.36 14.91
CA HIS A 323 -19.63 37.30 15.74
C HIS A 323 -20.53 38.24 16.55
N GLY A 324 -21.84 37.99 16.52
CA GLY A 324 -22.81 38.80 17.26
C GLY A 324 -23.23 40.10 16.61
N THR A 325 -22.73 40.43 15.42
CA THR A 325 -23.16 41.62 14.68
C THR A 325 -24.54 41.32 14.05
N VAL A 326 -25.30 42.37 13.67
CA VAL A 326 -26.63 42.21 13.06
C VAL A 326 -26.67 42.76 11.66
N THR A 327 -27.30 41.99 10.77
CA THR A 327 -27.57 42.41 9.40
C THR A 327 -29.06 42.81 9.35
N VAL A 328 -29.33 43.95 8.74
CA VAL A 328 -30.66 44.55 8.67
C VAL A 328 -30.94 44.93 7.22
N GLU A 329 -32.13 44.60 6.70
CA GLU A 329 -32.56 45.00 5.36
C GLU A 329 -33.86 45.77 5.49
N VAL A 330 -33.87 47.00 4.97
CA VAL A 330 -35.03 47.89 5.05
C VAL A 330 -35.47 48.37 3.68
N GLN A 331 -36.76 48.73 3.57
CA GLN A 331 -37.38 49.28 2.35
C GLN A 331 -37.74 50.73 2.63
N TYR A 332 -37.65 51.60 1.63
CA TYR A 332 -37.90 53.02 1.87
C TYR A 332 -38.99 53.66 1.02
N ALA A 333 -40.06 54.11 1.69
CA ALA A 333 -41.26 54.75 1.11
C ALA A 333 -41.04 56.11 0.45
N GLY A 334 -39.99 56.83 0.84
CA GLY A 334 -39.69 58.16 0.33
C GLY A 334 -39.09 58.30 -1.06
N THR A 335 -39.22 59.51 -1.62
CA THR A 335 -38.74 59.90 -2.94
C THR A 335 -37.59 60.94 -2.88
N ASP A 336 -37.10 61.26 -1.65
CA ASP A 336 -36.03 62.24 -1.42
C ASP A 336 -34.58 61.63 -1.50
N GLY A 337 -34.46 60.52 -2.22
CA GLY A 337 -33.18 59.85 -2.47
C GLY A 337 -32.33 60.61 -3.47
N PRO A 338 -30.99 60.53 -3.40
CA PRO A 338 -30.17 59.76 -2.44
C PRO A 338 -30.11 60.43 -1.07
N CYS A 339 -30.24 59.64 0.00
CA CYS A 339 -30.23 60.20 1.35
C CYS A 339 -29.58 59.24 2.38
N LYS A 340 -29.09 59.79 3.51
CA LYS A 340 -28.47 59.01 4.60
C LYS A 340 -29.54 58.25 5.45
N VAL A 341 -29.26 56.98 5.73
CA VAL A 341 -30.14 56.15 6.54
C VAL A 341 -29.86 56.44 8.04
N PRO A 342 -30.90 56.96 8.79
CA PRO A 342 -30.75 57.13 10.25
C PRO A 342 -30.74 55.70 10.85
N ALA A 343 -29.59 55.31 11.38
CA ALA A 343 -29.44 53.97 11.92
C ALA A 343 -28.56 54.00 13.14
N GLN A 344 -29.02 53.29 14.16
CA GLN A 344 -28.36 53.15 15.46
C GLN A 344 -29.04 52.03 16.25
N MET A 345 -28.53 51.87 17.47
CA MET A 345 -29.04 51.05 18.52
C MET A 345 -29.19 51.89 19.75
N ALA A 346 -30.24 51.64 20.52
CA ALA A 346 -30.53 52.39 21.73
C ALA A 346 -30.96 51.44 22.83
N VAL A 347 -30.65 51.82 24.07
CA VAL A 347 -31.08 51.08 25.25
C VAL A 347 -32.41 51.72 25.76
N ASP A 348 -32.57 53.06 25.60
CA ASP A 348 -33.82 53.71 26.00
C ASP A 348 -34.36 54.64 24.89
N MET A 349 -35.67 54.47 24.61
CA MET A 349 -36.42 55.08 23.52
C MET A 349 -36.82 56.54 23.73
N GLN A 350 -36.48 57.13 24.89
CA GLN A 350 -36.77 58.54 25.15
C GLN A 350 -35.50 59.32 24.77
N THR A 351 -34.38 58.97 25.41
CA THR A 351 -33.06 59.56 25.27
C THR A 351 -32.46 59.26 23.88
N LEU A 352 -32.55 57.98 23.43
CA LEU A 352 -32.03 57.44 22.16
C LEU A 352 -30.54 57.69 21.95
N THR A 353 -29.74 57.79 23.04
CA THR A 353 -28.29 57.95 22.88
C THR A 353 -27.76 56.64 22.31
N PRO A 354 -26.96 56.73 21.22
CA PRO A 354 -26.46 55.52 20.58
C PRO A 354 -25.68 54.60 21.52
N VAL A 355 -25.89 53.31 21.34
CA VAL A 355 -25.20 52.23 22.04
C VAL A 355 -24.62 51.41 20.89
N GLY A 356 -23.56 50.66 21.17
CA GLY A 356 -22.88 49.90 20.13
C GLY A 356 -22.35 50.81 19.05
N ARG A 357 -22.30 50.33 17.78
CA ARG A 357 -21.83 51.09 16.61
C ARG A 357 -22.22 50.38 15.31
N LEU A 358 -22.17 51.10 14.18
CA LEU A 358 -22.42 50.52 12.85
C LEU A 358 -21.11 49.89 12.34
N ILE A 359 -21.22 48.82 11.54
CA ILE A 359 -20.09 48.23 10.83
C ILE A 359 -20.10 48.98 9.48
N THR A 360 -21.28 49.09 8.85
CA THR A 360 -21.51 49.84 7.62
C THR A 360 -21.39 51.35 7.87
N ALA A 361 -20.29 51.95 7.41
CA ALA A 361 -20.11 53.39 7.52
C ALA A 361 -20.95 54.05 6.43
N ASN A 362 -21.67 55.09 6.81
CA ASN A 362 -22.53 55.90 5.96
C ASN A 362 -23.61 55.08 5.22
N PRO A 363 -24.54 54.49 5.97
CA PRO A 363 -25.63 53.74 5.34
C PRO A 363 -26.53 54.65 4.47
N VAL A 364 -26.78 54.30 3.19
CA VAL A 364 -27.55 55.18 2.29
C VAL A 364 -28.70 54.54 1.49
N ILE A 365 -29.73 55.35 1.16
CA ILE A 365 -30.78 55.01 0.21
C ILE A 365 -30.28 55.78 -1.05
N THR A 366 -29.69 55.07 -2.04
CA THR A 366 -29.03 55.64 -3.22
C THR A 366 -29.99 56.12 -4.35
N GLU A 367 -31.20 55.54 -4.44
CA GLU A 367 -32.17 55.89 -5.48
C GLU A 367 -33.24 56.90 -5.05
N SER A 368 -33.70 57.76 -6.00
CA SER A 368 -34.75 58.78 -5.80
C SER A 368 -36.18 58.22 -6.02
N THR A 369 -36.28 56.88 -6.09
CA THR A 369 -37.50 56.09 -6.32
C THR A 369 -38.08 55.58 -5.00
N GLU A 370 -39.41 55.48 -4.93
CA GLU A 370 -40.12 54.96 -3.76
C GLU A 370 -39.99 53.42 -3.67
N ASN A 371 -40.05 52.88 -2.44
CA ASN A 371 -39.97 51.46 -2.06
C ASN A 371 -38.66 50.74 -2.50
N SER A 372 -37.52 51.46 -2.40
CA SER A 372 -36.18 50.90 -2.68
C SER A 372 -35.59 50.23 -1.42
N LYS A 373 -34.90 49.10 -1.61
CA LYS A 373 -34.29 48.32 -0.52
C LYS A 373 -32.83 48.72 -0.28
N MET A 374 -32.31 48.36 0.89
CA MET A 374 -30.97 48.67 1.36
C MET A 374 -30.61 47.74 2.54
N MET A 375 -29.33 47.34 2.66
CA MET A 375 -28.88 46.48 3.74
C MET A 375 -27.72 47.11 4.53
N LEU A 376 -27.71 46.94 5.86
CA LEU A 376 -26.65 47.46 6.74
C LEU A 376 -26.31 46.46 7.85
N GLU A 377 -25.13 46.64 8.46
CA GLU A 377 -24.62 45.77 9.51
C GLU A 377 -24.27 46.60 10.76
N LEU A 378 -24.70 46.11 11.94
CA LEU A 378 -24.50 46.78 13.22
C LEU A 378 -23.75 45.91 14.18
N ASP A 379 -23.10 46.53 15.17
CA ASP A 379 -22.33 45.87 16.22
C ASP A 379 -23.02 46.20 17.55
N PRO A 380 -24.01 45.39 17.97
CA PRO A 380 -24.76 45.70 19.19
C PRO A 380 -24.01 45.51 20.50
N PRO A 381 -24.45 46.20 21.57
CA PRO A 381 -23.85 45.95 22.88
C PRO A 381 -24.36 44.61 23.41
N PHE A 382 -23.79 44.11 24.50
CA PHE A 382 -24.27 42.85 25.09
C PHE A 382 -25.58 43.09 25.82
N GLY A 383 -26.40 42.05 25.91
CA GLY A 383 -27.73 42.08 26.51
C GLY A 383 -28.75 42.62 25.55
N ASP A 384 -29.85 43.16 26.10
CA ASP A 384 -30.95 43.75 25.35
C ASP A 384 -30.66 45.18 24.85
N SER A 385 -31.17 45.50 23.65
CA SER A 385 -31.12 46.82 23.00
C SER A 385 -32.18 46.83 21.89
N TYR A 386 -32.27 47.97 21.19
CA TYR A 386 -33.18 48.13 20.08
C TYR A 386 -32.46 48.63 18.83
N ILE A 387 -32.71 47.94 17.69
CA ILE A 387 -32.29 48.36 16.37
C ILE A 387 -33.26 49.52 16.00
N VAL A 388 -32.71 50.71 15.66
CA VAL A 388 -33.49 51.91 15.34
C VAL A 388 -33.15 52.43 13.92
N ILE A 389 -34.14 52.39 13.00
CA ILE A 389 -34.05 52.86 11.61
C ILE A 389 -35.09 53.95 11.37
N GLY A 390 -34.66 55.07 10.80
CA GLY A 390 -35.51 56.22 10.55
C GLY A 390 -35.51 57.23 11.68
N VAL A 391 -36.17 58.36 11.45
CA VAL A 391 -36.31 59.48 12.38
C VAL A 391 -37.77 59.73 12.71
N GLY A 392 -37.99 60.42 13.82
CA GLY A 392 -39.31 60.85 14.27
C GLY A 392 -40.33 59.80 14.59
N GLU A 393 -41.60 60.19 14.48
CA GLU A 393 -42.75 59.35 14.83
C GLU A 393 -42.78 58.00 14.10
N LYS A 394 -42.47 58.00 12.79
CA LYS A 394 -42.51 56.83 11.91
C LYS A 394 -41.28 55.92 12.03
N LYS A 395 -40.34 56.22 12.94
CA LYS A 395 -39.15 55.35 13.14
C LYS A 395 -39.53 53.95 13.50
N ILE A 396 -38.81 52.97 12.94
CA ILE A 396 -39.04 51.54 13.20
C ILE A 396 -37.99 51.02 14.18
N THR A 397 -38.46 50.19 15.08
CA THR A 397 -37.74 49.58 16.19
C THR A 397 -37.78 48.04 16.08
N HIS A 398 -36.70 47.35 16.53
CA HIS A 398 -36.68 45.91 16.63
C HIS A 398 -35.90 45.52 17.86
N HIS A 399 -36.55 44.76 18.78
CA HIS A 399 -35.85 44.29 19.98
C HIS A 399 -34.73 43.34 19.61
N TRP A 400 -33.60 43.50 20.29
CA TRP A 400 -32.41 42.73 20.04
C TRP A 400 -31.79 42.25 21.33
N HIS A 401 -31.15 41.09 21.27
CA HIS A 401 -30.42 40.53 22.38
C HIS A 401 -29.10 39.94 21.88
N ARG A 402 -27.99 40.26 22.58
CA ARG A 402 -26.67 39.76 22.28
C ARG A 402 -26.11 38.95 23.49
N SER A 403 -25.78 37.66 23.25
CA SER A 403 -25.24 36.61 24.15
C SER A 403 -26.29 36.02 25.07
N ILE B 1 18.45 -42.97 -3.06
CA ILE B 1 19.35 -42.06 -3.79
C ILE B 1 18.87 -40.59 -3.81
N ARG B 2 17.68 -40.32 -3.28
CA ARG B 2 17.08 -38.99 -3.28
C ARG B 2 17.87 -37.94 -2.47
N CYS B 3 18.73 -38.35 -1.47
CA CYS B 3 19.57 -37.45 -0.64
C CYS B 3 20.80 -36.96 -1.39
N ILE B 4 21.17 -37.62 -2.48
CA ILE B 4 22.37 -37.27 -3.24
C ILE B 4 22.13 -35.94 -3.94
N GLY B 5 22.91 -34.93 -3.53
CA GLY B 5 22.79 -33.56 -4.03
C GLY B 5 22.27 -32.62 -2.99
N VAL B 6 21.60 -33.14 -1.94
CA VAL B 6 21.05 -32.36 -0.84
C VAL B 6 22.20 -31.82 0.04
N SER B 7 22.15 -30.52 0.34
CA SER B 7 23.17 -29.87 1.17
C SER B 7 23.00 -30.27 2.65
N ASN B 8 21.75 -30.10 3.17
CA ASN B 8 21.43 -30.46 4.53
C ASN B 8 21.11 -31.96 4.52
N ARG B 9 22.16 -32.77 4.47
CA ARG B 9 22.01 -34.21 4.39
C ARG B 9 22.70 -34.83 5.59
N ASP B 10 21.98 -35.71 6.26
CA ASP B 10 22.50 -36.41 7.43
C ASP B 10 22.73 -37.89 7.14
N PHE B 11 23.61 -38.51 7.92
CA PHE B 11 23.94 -39.93 7.77
C PHE B 11 23.78 -40.60 9.11
N VAL B 12 22.91 -41.60 9.17
CA VAL B 12 22.70 -42.35 10.40
C VAL B 12 23.04 -43.81 10.17
N GLU B 13 23.78 -44.38 11.12
CA GLU B 13 24.22 -45.76 11.10
C GLU B 13 23.52 -46.53 12.23
N GLY B 14 23.13 -47.77 11.94
CA GLY B 14 22.51 -48.68 12.90
C GLY B 14 23.54 -49.57 13.56
N MET B 15 23.21 -50.08 14.77
CA MET B 15 24.02 -50.95 15.63
C MET B 15 24.35 -52.33 14.96
N SER B 16 24.96 -53.30 15.73
CA SER B 16 25.29 -54.68 15.31
C SER B 16 23.99 -55.33 14.80
N GLY B 17 23.76 -55.23 13.48
CA GLY B 17 22.52 -55.67 12.86
C GLY B 17 21.47 -54.60 13.14
N GLY B 18 20.86 -54.67 14.34
CA GLY B 18 19.93 -53.68 14.86
C GLY B 18 18.46 -53.76 14.47
N THR B 19 17.59 -53.39 15.40
CA THR B 19 16.15 -53.44 15.17
C THR B 19 15.50 -52.02 14.99
N TRP B 20 16.02 -50.96 15.65
CA TRP B 20 15.50 -49.58 15.55
C TRP B 20 16.57 -48.52 15.32
N VAL B 21 16.23 -47.43 14.58
CA VAL B 21 17.07 -46.25 14.33
C VAL B 21 16.25 -44.95 14.46
N ASP B 22 16.71 -43.99 15.25
CA ASP B 22 16.04 -42.69 15.40
C ASP B 22 16.54 -41.69 14.36
N VAL B 23 15.61 -41.00 13.70
CA VAL B 23 15.86 -40.06 12.59
C VAL B 23 15.06 -38.73 12.77
N VAL B 24 15.72 -37.59 12.50
CA VAL B 24 15.10 -36.25 12.56
C VAL B 24 14.93 -35.75 11.11
N LEU B 25 13.68 -35.63 10.67
CA LEU B 25 13.29 -35.20 9.32
C LEU B 25 12.88 -33.73 9.35
N GLU B 26 13.61 -32.91 8.64
CA GLU B 26 13.36 -31.48 8.51
C GLU B 26 13.09 -31.15 7.04
N HIS B 27 12.32 -30.09 6.78
CA HIS B 27 12.00 -29.60 5.42
C HIS B 27 13.27 -29.14 4.72
N GLY B 28 13.51 -29.64 3.52
CA GLY B 28 14.74 -29.30 2.79
C GLY B 28 15.95 -30.15 3.14
N GLY B 29 15.81 -30.95 4.19
CA GLY B 29 16.80 -31.91 4.68
C GLY B 29 16.55 -33.30 4.12
N CYS B 30 17.49 -34.23 4.33
CA CYS B 30 17.39 -35.62 3.87
C CYS B 30 18.32 -36.49 4.73
N VAL B 31 17.88 -37.71 5.09
CA VAL B 31 18.68 -38.64 5.90
C VAL B 31 18.98 -39.92 5.13
N THR B 32 20.27 -40.27 5.04
CA THR B 32 20.73 -41.52 4.46
C THR B 32 20.90 -42.44 5.67
N VAL B 33 20.20 -43.57 5.69
CA VAL B 33 20.31 -44.51 6.81
C VAL B 33 20.99 -45.80 6.32
N MET B 34 21.98 -46.25 7.09
CA MET B 34 22.79 -47.44 6.82
C MET B 34 22.76 -48.37 8.01
N ALA B 35 22.87 -49.67 7.75
CA ALA B 35 22.88 -50.71 8.76
C ALA B 35 23.50 -51.95 8.13
N GLN B 36 24.32 -52.69 8.91
CA GLN B 36 24.95 -53.88 8.41
C GLN B 36 23.93 -54.91 7.96
N ASP B 37 24.13 -55.45 6.74
CA ASP B 37 23.33 -56.49 6.08
C ASP B 37 21.94 -56.01 5.69
N LYS B 38 21.77 -54.70 5.67
CA LYS B 38 20.52 -54.02 5.31
C LYS B 38 20.82 -53.11 4.13
N PRO B 39 19.85 -52.89 3.20
CA PRO B 39 20.11 -51.90 2.13
C PRO B 39 20.07 -50.46 2.71
N THR B 40 20.79 -49.55 2.07
CA THR B 40 20.88 -48.12 2.43
C THR B 40 19.61 -47.43 1.95
N VAL B 41 18.98 -46.65 2.83
CA VAL B 41 17.73 -45.97 2.50
C VAL B 41 17.81 -44.48 2.73
N ASP B 42 17.33 -43.70 1.76
CA ASP B 42 17.19 -42.26 1.82
C ASP B 42 15.76 -41.93 2.23
N ILE B 43 15.61 -41.10 3.28
CA ILE B 43 14.32 -40.70 3.85
C ILE B 43 14.23 -39.18 3.93
N GLU B 44 13.13 -38.62 3.39
CA GLU B 44 12.90 -37.17 3.36
C GLU B 44 11.45 -36.77 3.67
N LEU B 45 11.29 -35.76 4.55
CA LEU B 45 10.01 -35.10 4.83
C LEU B 45 9.88 -34.13 3.67
N VAL B 46 9.01 -34.47 2.72
CA VAL B 46 8.85 -33.76 1.46
C VAL B 46 7.82 -32.60 1.58
N THR B 47 6.66 -32.83 2.25
CA THR B 47 5.63 -31.82 2.45
C THR B 47 4.90 -32.01 3.79
N THR B 48 4.42 -30.90 4.37
CA THR B 48 3.54 -30.82 5.54
C THR B 48 2.30 -30.10 4.98
N THR B 49 1.11 -30.68 5.12
CA THR B 49 -0.10 -30.06 4.62
C THR B 49 -1.20 -29.97 5.69
N VAL B 50 -2.00 -28.93 5.60
CA VAL B 50 -3.15 -28.70 6.47
C VAL B 50 -4.42 -28.80 5.59
N SER B 51 -5.38 -29.73 5.95
CA SER B 51 -6.55 -30.11 5.14
C SER B 51 -7.86 -29.33 5.27
N ASN B 52 -8.33 -28.96 6.48
CA ASN B 52 -9.68 -28.39 6.53
C ASN B 52 -9.77 -27.00 7.17
N MET B 53 -9.22 -26.00 6.47
CA MET B 53 -9.13 -24.65 6.98
C MET B 53 -10.44 -23.87 6.84
N ALA B 54 -11.03 -23.55 7.99
CA ALA B 54 -12.25 -22.76 8.07
C ALA B 54 -11.94 -21.25 8.04
N GLU B 55 -12.66 -20.49 7.19
CA GLU B 55 -12.54 -19.03 7.14
C GLU B 55 -12.99 -18.46 8.50
N VAL B 56 -12.20 -17.54 9.03
CA VAL B 56 -12.45 -16.90 10.32
C VAL B 56 -12.95 -15.47 10.05
N ARG B 57 -12.19 -14.71 9.24
CA ARG B 57 -12.47 -13.32 8.91
C ARG B 57 -11.79 -12.89 7.60
N SER B 58 -12.46 -12.01 6.83
CA SER B 58 -11.91 -11.42 5.60
C SER B 58 -11.78 -9.94 5.80
N TYR B 59 -10.68 -9.35 5.35
CA TYR B 59 -10.43 -7.91 5.41
C TYR B 59 -10.38 -7.36 3.99
N CYS B 60 -11.05 -6.20 3.77
CA CYS B 60 -11.02 -5.48 2.49
C CYS B 60 -9.73 -4.70 2.43
N TYR B 61 -8.92 -4.88 1.35
CA TYR B 61 -7.70 -4.11 1.17
C TYR B 61 -7.78 -3.12 -0.03
N GLU B 62 -8.83 -3.24 -0.85
CA GLU B 62 -9.11 -2.37 -2.00
C GLU B 62 -10.63 -2.19 -2.11
N ALA B 63 -11.08 -0.97 -1.93
CA ALA B 63 -12.49 -0.65 -1.97
C ALA B 63 -12.81 0.31 -3.11
N SER B 64 -14.11 0.50 -3.35
CA SER B 64 -14.65 1.35 -4.37
C SER B 64 -15.87 2.04 -3.79
N ILE B 65 -16.09 3.31 -4.12
CA ILE B 65 -17.26 4.03 -3.66
C ILE B 65 -18.08 4.51 -4.84
N SER B 66 -19.41 4.56 -4.67
CA SER B 66 -20.37 5.04 -5.68
C SER B 66 -21.54 5.74 -4.99
N ASP B 67 -22.56 6.15 -5.77
CA ASP B 67 -23.79 6.80 -5.31
C ASP B 67 -23.55 7.86 -4.21
N MET B 68 -22.57 8.77 -4.44
CA MET B 68 -22.26 9.85 -3.48
C MET B 68 -23.37 10.91 -3.48
N ALA B 69 -23.89 11.23 -2.28
CA ALA B 69 -24.96 12.18 -2.11
C ALA B 69 -24.79 12.98 -0.85
N SER B 70 -25.43 14.15 -0.83
CA SER B 70 -25.42 15.07 0.28
C SER B 70 -26.80 15.67 0.58
N ASP B 71 -26.95 16.13 1.83
CA ASP B 71 -28.09 16.88 2.32
C ASP B 71 -27.57 17.93 3.25
N SER B 72 -28.01 19.18 3.09
CA SER B 72 -27.59 20.28 3.97
C SER B 72 -28.77 21.12 4.47
N ARG B 73 -28.76 21.48 5.77
CA ARG B 73 -29.79 22.28 6.40
C ARG B 73 -29.27 23.64 6.86
N CYS B 74 -30.19 24.60 7.02
CA CYS B 74 -29.86 25.93 7.51
C CYS B 74 -29.75 25.89 9.01
N PRO B 75 -29.11 26.86 9.70
CA PRO B 75 -29.18 26.83 11.18
C PRO B 75 -30.66 26.95 11.64
N THR B 76 -31.10 26.08 12.59
CA THR B 76 -32.46 25.90 13.19
C THR B 76 -33.42 25.05 12.30
N GLN B 77 -33.02 24.65 11.07
CA GLN B 77 -33.82 23.76 10.19
C GLN B 77 -33.49 22.32 10.50
N GLY B 78 -32.81 22.13 11.63
CA GLY B 78 -32.48 20.81 12.15
C GLY B 78 -31.36 20.09 11.48
N GLU B 79 -31.33 18.78 11.72
CA GLU B 79 -30.37 17.81 11.26
C GLU B 79 -30.58 17.41 9.81
N ALA B 80 -29.48 17.36 9.07
CA ALA B 80 -29.39 16.94 7.66
C ALA B 80 -29.72 15.44 7.54
N TYR B 81 -30.57 15.10 6.55
CA TYR B 81 -31.04 13.73 6.37
C TYR B 81 -30.98 13.24 4.93
N LEU B 82 -30.44 12.03 4.77
CA LEU B 82 -30.38 11.21 3.55
C LEU B 82 -30.96 9.92 4.01
N ASP B 83 -31.74 9.26 3.17
CA ASP B 83 -32.33 7.96 3.52
C ASP B 83 -31.29 6.84 3.53
N LYS B 84 -30.13 7.10 2.92
CA LYS B 84 -29.04 6.12 2.82
C LYS B 84 -28.15 6.11 4.04
N GLN B 85 -28.41 7.05 4.98
CA GLN B 85 -27.63 7.22 6.20
C GLN B 85 -27.82 6.07 7.14
N SER B 86 -28.91 5.30 6.94
CA SER B 86 -29.30 4.12 7.69
C SER B 86 -29.07 2.81 6.90
N ASP B 87 -28.67 2.94 5.62
CA ASP B 87 -28.36 1.82 4.74
C ASP B 87 -26.94 1.37 5.12
N THR B 88 -26.84 0.08 5.49
CA THR B 88 -25.61 -0.55 6.00
C THR B 88 -24.48 -0.66 4.97
N GLN B 89 -24.79 -0.56 3.66
CA GLN B 89 -23.79 -0.61 2.59
C GLN B 89 -23.13 0.77 2.39
N TYR B 90 -23.65 1.79 3.10
CA TYR B 90 -23.18 3.16 3.01
C TYR B 90 -22.28 3.59 4.15
N VAL B 91 -21.36 4.49 3.83
CA VAL B 91 -20.47 5.12 4.80
C VAL B 91 -20.82 6.68 4.83
N CYS B 92 -21.04 7.22 6.02
CA CYS B 92 -21.47 8.63 6.12
C CYS B 92 -20.65 9.50 7.05
N LYS B 93 -20.69 10.81 6.83
CA LYS B 93 -20.09 11.79 7.71
C LYS B 93 -21.02 12.98 7.84
N ARG B 94 -21.26 13.33 9.10
CA ARG B 94 -22.12 14.41 9.54
C ARG B 94 -21.21 15.55 10.05
N THR B 95 -21.32 16.75 9.43
CA THR B 95 -20.52 17.93 9.80
C THR B 95 -21.36 19.22 9.95
N LEU B 96 -20.69 20.33 10.29
CA LEU B 96 -21.31 21.64 10.44
C LEU B 96 -20.66 22.58 9.45
N VAL B 97 -21.48 23.33 8.69
CA VAL B 97 -20.96 24.27 7.70
C VAL B 97 -21.51 25.69 7.91
N ASP B 98 -20.69 26.72 7.58
CA ASP B 98 -21.06 28.14 7.66
C ASP B 98 -22.13 28.47 6.65
N ARG B 99 -23.26 29.01 7.14
CA ARG B 99 -24.43 29.39 6.34
C ARG B 99 -24.87 30.82 6.62
N GLY B 100 -25.64 31.41 5.68
CA GLY B 100 -26.17 32.76 5.81
C GLY B 100 -27.08 33.21 4.68
N TRP B 101 -27.24 34.54 4.52
CA TRP B 101 -28.02 35.20 3.45
C TRP B 101 -27.41 34.97 2.05
N GLY B 102 -26.12 34.69 1.98
CA GLY B 102 -25.45 34.39 0.72
C GLY B 102 -25.65 32.95 0.30
N ASN B 103 -26.06 32.09 1.26
CA ASN B 103 -26.27 30.65 1.09
C ASN B 103 -27.75 30.22 1.02
N GLY B 104 -28.65 31.18 1.11
CA GLY B 104 -30.09 30.93 1.07
C GLY B 104 -30.74 30.80 2.44
N CYS B 105 -29.94 30.90 3.52
CA CYS B 105 -30.47 30.79 4.86
C CYS B 105 -30.94 32.15 5.41
N GLY B 106 -32.00 32.14 6.18
CA GLY B 106 -32.51 33.34 6.81
C GLY B 106 -31.64 33.75 7.98
N LEU B 107 -30.89 32.79 8.54
CA LEU B 107 -30.00 32.97 9.67
C LEU B 107 -28.54 32.63 9.34
N PHE B 108 -27.65 33.27 10.07
CA PHE B 108 -26.23 33.14 10.02
C PHE B 108 -25.81 32.28 11.19
N GLY B 109 -25.16 31.21 10.86
CA GLY B 109 -24.62 30.26 11.81
C GLY B 109 -24.24 28.97 11.12
N LYS B 110 -23.96 27.95 11.92
CA LYS B 110 -23.61 26.65 11.39
C LYS B 110 -24.86 25.82 11.05
N GLY B 111 -24.85 25.23 9.87
CA GLY B 111 -25.89 24.34 9.37
C GLY B 111 -25.40 22.92 9.23
N SER B 112 -26.30 21.95 9.42
CA SER B 112 -25.97 20.52 9.34
C SER B 112 -25.75 20.07 7.91
N LEU B 113 -24.73 19.24 7.69
CA LEU B 113 -24.42 18.63 6.40
C LEU B 113 -24.12 17.12 6.61
N VAL B 114 -24.72 16.27 5.76
CA VAL B 114 -24.47 14.83 5.75
C VAL B 114 -24.07 14.39 4.35
N THR B 115 -22.99 13.59 4.24
CA THR B 115 -22.49 13.03 3.00
C THR B 115 -22.43 11.53 3.19
N CYS B 116 -22.90 10.79 2.19
CA CYS B 116 -22.95 9.32 2.20
C CYS B 116 -22.47 8.76 0.88
N ALA B 117 -21.77 7.60 0.93
CA ALA B 117 -21.24 6.90 -0.25
C ALA B 117 -21.45 5.42 -0.10
N LYS B 118 -21.81 4.75 -1.21
CA LYS B 118 -21.99 3.30 -1.21
C LYS B 118 -20.61 2.68 -1.26
N PHE B 119 -20.27 1.88 -0.25
CA PHE B 119 -19.01 1.18 -0.13
C PHE B 119 -19.09 -0.20 -0.76
N ALA B 120 -18.08 -0.54 -1.59
CA ALA B 120 -17.97 -1.88 -2.23
C ALA B 120 -16.54 -2.38 -2.12
N CYS B 121 -16.37 -3.66 -1.81
CA CYS B 121 -15.03 -4.22 -1.79
C CYS B 121 -14.69 -4.74 -3.18
N SER B 122 -13.47 -4.46 -3.65
CA SER B 122 -12.95 -4.94 -4.95
C SER B 122 -12.09 -6.18 -4.71
N LYS B 123 -11.25 -6.12 -3.66
CA LYS B 123 -10.32 -7.16 -3.30
C LYS B 123 -10.22 -7.30 -1.80
N LYS B 124 -10.33 -8.56 -1.34
CA LYS B 124 -10.26 -8.92 0.07
C LYS B 124 -9.26 -10.04 0.32
N MET B 125 -8.75 -10.11 1.56
CA MET B 125 -7.80 -11.12 2.05
C MET B 125 -8.54 -11.99 3.08
N THR B 126 -8.37 -13.30 3.04
CA THR B 126 -9.08 -14.17 3.97
C THR B 126 -8.12 -14.88 4.94
N GLY B 127 -8.51 -14.90 6.21
CA GLY B 127 -7.79 -15.60 7.27
C GLY B 127 -8.54 -16.85 7.68
N LYS B 128 -7.85 -18.00 7.68
CA LYS B 128 -8.38 -19.33 7.97
C LYS B 128 -7.74 -19.98 9.22
N SER B 129 -8.52 -20.82 9.94
CA SER B 129 -8.10 -21.55 11.14
C SER B 129 -7.41 -22.88 10.83
N ILE B 130 -6.40 -23.24 11.65
CA ILE B 130 -5.67 -24.49 11.47
C ILE B 130 -5.88 -25.36 12.69
N GLN B 131 -6.49 -26.54 12.46
CA GLN B 131 -6.72 -27.51 13.53
C GLN B 131 -5.55 -28.49 13.58
N PRO B 132 -4.93 -28.67 14.77
CA PRO B 132 -3.73 -29.51 14.87
C PRO B 132 -3.83 -30.92 14.29
N GLU B 133 -5.01 -31.52 14.41
CA GLU B 133 -5.36 -32.87 13.94
C GLU B 133 -5.36 -32.98 12.42
N ASN B 134 -5.59 -31.86 11.72
CA ASN B 134 -5.65 -31.75 10.26
C ASN B 134 -4.30 -31.58 9.54
N LEU B 135 -3.20 -31.90 10.23
CA LEU B 135 -1.86 -31.91 9.67
C LEU B 135 -1.53 -33.26 9.06
N GLU B 136 -0.86 -33.26 7.89
CA GLU B 136 -0.44 -34.45 7.15
C GLU B 136 1.02 -34.30 6.72
N TYR B 137 1.85 -35.27 7.06
CA TYR B 137 3.26 -35.30 6.72
C TYR B 137 3.48 -36.34 5.65
N ARG B 138 4.12 -35.94 4.54
CA ARG B 138 4.42 -36.83 3.45
C ARG B 138 5.92 -37.10 3.49
N ILE B 139 6.28 -38.36 3.65
CA ILE B 139 7.66 -38.84 3.67
C ILE B 139 7.94 -39.66 2.42
N MET B 140 9.04 -39.37 1.74
CA MET B 140 9.50 -40.12 0.55
C MET B 140 10.70 -40.98 0.93
N LEU B 141 10.67 -42.24 0.50
CA LEU B 141 11.70 -43.25 0.74
C LEU B 141 12.37 -43.63 -0.58
N SER B 142 13.70 -43.76 -0.56
CA SER B 142 14.49 -44.15 -1.74
C SER B 142 15.59 -45.16 -1.38
N VAL B 143 15.53 -46.39 -1.92
CA VAL B 143 16.58 -47.42 -1.70
C VAL B 143 17.77 -47.25 -2.66
N HIS B 144 18.98 -47.43 -2.13
CA HIS B 144 20.25 -47.43 -2.89
C HIS B 144 20.51 -48.87 -3.39
N GLY B 145 21.01 -48.99 -4.63
CA GLY B 145 21.44 -50.28 -5.16
C GLY B 145 21.23 -50.52 -6.63
N SER B 146 20.02 -50.17 -7.14
CA SER B 146 19.64 -50.45 -8.53
C SER B 146 19.68 -49.23 -9.42
N GLN B 147 19.05 -48.19 -8.92
CA GLN B 147 18.78 -46.94 -9.57
C GLN B 147 20.02 -46.21 -10.11
N HIS B 148 19.83 -45.62 -11.30
CA HIS B 148 20.76 -44.77 -12.01
C HIS B 148 20.42 -43.30 -11.65
N SER B 149 21.26 -42.36 -12.14
CA SER B 149 21.26 -40.92 -11.96
C SER B 149 19.89 -40.23 -12.07
N GLY B 150 19.14 -40.56 -13.14
CA GLY B 150 17.84 -39.99 -13.46
C GLY B 150 16.77 -40.13 -12.39
N MET B 151 17.01 -40.96 -11.37
CA MET B 151 16.03 -41.23 -10.31
C MET B 151 16.28 -40.42 -9.02
N ILE B 152 17.41 -39.69 -8.91
CA ILE B 152 17.72 -38.83 -7.75
C ILE B 152 16.55 -37.82 -7.54
N VAL B 153 16.08 -37.22 -8.65
CA VAL B 153 14.92 -36.32 -8.68
C VAL B 153 13.94 -36.94 -9.69
N ASN B 154 12.82 -37.49 -9.20
CA ASN B 154 11.79 -38.10 -10.05
C ASN B 154 10.36 -37.93 -9.48
N ASP B 155 9.97 -38.82 -8.54
CA ASP B 155 8.65 -38.86 -7.85
C ASP B 155 7.44 -39.08 -8.80
N THR B 156 7.64 -39.96 -9.81
CA THR B 156 6.63 -40.43 -10.76
C THR B 156 6.83 -41.92 -10.96
N GLY B 157 5.89 -42.68 -10.40
CA GLY B 157 5.83 -44.12 -10.50
C GLY B 157 6.31 -44.91 -9.31
N HIS B 158 6.41 -44.29 -8.12
CA HIS B 158 6.85 -44.99 -6.89
C HIS B 158 5.90 -46.10 -6.43
N GLU B 159 4.61 -45.99 -6.83
CA GLU B 159 3.55 -46.97 -6.57
C GLU B 159 3.83 -48.30 -7.30
N THR B 160 4.53 -48.24 -8.45
CA THR B 160 4.89 -49.40 -9.29
C THR B 160 6.39 -49.73 -9.26
N ASP B 161 7.15 -48.97 -8.46
CA ASP B 161 8.58 -49.11 -8.29
C ASP B 161 8.90 -49.46 -6.85
N GLU B 162 9.55 -50.60 -6.64
CA GLU B 162 9.93 -51.09 -5.31
C GLU B 162 10.97 -50.23 -4.56
N ASN B 163 11.84 -49.54 -5.31
CA ASN B 163 12.90 -48.67 -4.77
C ASN B 163 12.40 -47.43 -4.10
N ARG B 164 11.16 -47.00 -4.41
CA ARG B 164 10.56 -45.78 -3.91
C ARG B 164 9.24 -45.98 -3.20
N ALA B 165 9.02 -45.17 -2.18
CA ALA B 165 7.78 -45.25 -1.40
C ALA B 165 7.35 -43.94 -0.84
N LYS B 166 6.05 -43.75 -0.79
CA LYS B 166 5.40 -42.58 -0.21
C LYS B 166 4.73 -43.05 1.10
N VAL B 167 5.13 -42.44 2.21
CA VAL B 167 4.52 -42.67 3.52
C VAL B 167 3.73 -41.41 3.92
N GLU B 168 2.51 -41.61 4.44
CA GLU B 168 1.64 -40.55 4.93
C GLU B 168 1.54 -40.67 6.46
N ILE B 169 2.01 -39.67 7.19
CA ILE B 169 1.98 -39.62 8.65
C ILE B 169 1.00 -38.48 9.11
N THR B 170 0.11 -38.76 10.07
CA THR B 170 -0.78 -37.76 10.61
C THR B 170 -0.67 -37.79 12.15
N PRO B 171 -1.15 -36.76 12.94
CA PRO B 171 -1.13 -36.88 14.41
C PRO B 171 -1.90 -38.12 14.94
N ASN B 172 -3.06 -38.43 14.31
CA ASN B 172 -3.91 -39.57 14.68
C ASN B 172 -3.35 -40.92 14.25
N SER B 173 -2.55 -40.96 13.18
CA SER B 173 -1.91 -42.19 12.68
C SER B 173 -0.39 -41.96 12.55
N PRO B 174 0.33 -41.98 13.71
CA PRO B 174 1.78 -41.71 13.70
C PRO B 174 2.69 -42.85 13.25
N ARG B 175 2.13 -44.05 13.17
CA ARG B 175 2.82 -45.28 12.78
C ARG B 175 2.39 -45.66 11.35
N ALA B 176 3.35 -46.01 10.51
CA ALA B 176 3.15 -46.46 9.13
C ALA B 176 4.17 -47.51 8.74
N GLU B 177 3.79 -48.43 7.85
CA GLU B 177 4.70 -49.48 7.35
C GLU B 177 4.78 -49.29 5.84
N ALA B 178 6.01 -49.21 5.34
CA ALA B 178 6.34 -49.00 3.93
C ALA B 178 6.90 -50.23 3.24
N THR B 179 6.15 -50.77 2.26
CA THR B 179 6.62 -51.93 1.51
C THR B 179 7.58 -51.49 0.40
N LEU B 180 8.70 -52.21 0.28
CA LEU B 180 9.77 -51.91 -0.67
C LEU B 180 10.06 -53.10 -1.56
N GLY B 181 8.99 -53.74 -2.05
CA GLY B 181 9.06 -54.95 -2.87
C GLY B 181 9.99 -55.98 -2.27
N GLY B 182 11.01 -56.36 -3.04
CA GLY B 182 12.05 -57.33 -2.68
C GLY B 182 12.94 -56.89 -1.53
N PHE B 183 12.93 -55.58 -1.17
CA PHE B 183 13.69 -55.05 -0.01
C PHE B 183 12.93 -55.25 1.32
N GLY B 184 11.77 -55.88 1.25
CA GLY B 184 10.93 -56.11 2.42
C GLY B 184 10.16 -54.86 2.78
N SER B 185 10.29 -54.43 4.03
CA SER B 185 9.59 -53.26 4.48
C SER B 185 10.29 -52.50 5.62
N LEU B 186 9.89 -51.24 5.77
CA LEU B 186 10.38 -50.36 6.82
C LEU B 186 9.19 -49.86 7.59
N GLY B 187 9.32 -49.87 8.90
CA GLY B 187 8.31 -49.36 9.80
C GLY B 187 8.72 -47.97 10.25
N LEU B 188 7.75 -47.05 10.36
CA LEU B 188 7.96 -45.67 10.77
C LEU B 188 6.99 -45.31 11.91
N ASP B 189 7.50 -44.77 13.02
CA ASP B 189 6.76 -44.29 14.19
C ASP B 189 7.26 -42.90 14.54
N CYS B 190 6.54 -41.88 14.03
CA CYS B 190 6.89 -40.47 14.13
C CYS B 190 6.13 -39.69 15.18
N GLU B 191 6.78 -38.65 15.69
CA GLU B 191 6.26 -37.72 16.68
C GLU B 191 6.09 -36.36 16.00
N PRO B 192 4.83 -35.96 15.68
CA PRO B 192 4.60 -34.63 15.07
C PRO B 192 5.02 -33.49 15.99
N PHE B 198 -0.56 -23.31 16.15
CA PHE B 198 -1.82 -23.19 15.39
C PHE B 198 -2.92 -22.70 16.31
N SER B 199 -2.61 -22.73 17.60
CA SER B 199 -3.42 -22.29 18.75
C SER B 199 -3.37 -20.76 18.76
N ASP B 200 -2.27 -20.21 18.22
CA ASP B 200 -2.03 -18.78 18.12
C ASP B 200 -1.76 -18.36 16.64
N LEU B 201 -1.95 -19.29 15.67
CA LEU B 201 -1.69 -19.03 14.25
C LEU B 201 -2.89 -19.12 13.31
N TYR B 202 -2.88 -18.28 12.27
CA TYR B 202 -3.90 -18.23 11.23
C TYR B 202 -3.22 -18.38 9.89
N TYR B 203 -3.95 -18.93 8.92
CA TYR B 203 -3.51 -19.07 7.54
C TYR B 203 -4.11 -17.90 6.77
N LEU B 204 -3.26 -17.00 6.27
CA LEU B 204 -3.67 -15.81 5.52
C LEU B 204 -3.52 -15.99 4.01
N THR B 205 -4.54 -15.58 3.23
CA THR B 205 -4.50 -15.59 1.77
C THR B 205 -4.90 -14.21 1.21
N MET B 206 -4.04 -13.66 0.35
CA MET B 206 -4.23 -12.37 -0.30
C MET B 206 -3.61 -12.49 -1.67
N ASN B 207 -4.42 -12.39 -2.73
CA ASN B 207 -4.07 -12.39 -4.16
C ASN B 207 -3.06 -13.51 -4.55
N ASN B 208 -3.44 -14.79 -4.30
CA ASN B 208 -2.63 -15.98 -4.58
C ASN B 208 -1.26 -15.97 -3.86
N LYS B 209 -1.18 -15.30 -2.69
CA LYS B 209 0.00 -15.24 -1.82
C LYS B 209 -0.48 -15.67 -0.42
N HIS B 210 0.26 -16.55 0.26
CA HIS B 210 -0.12 -17.13 1.54
C HIS B 210 0.96 -17.07 2.62
N TRP B 211 0.56 -16.93 3.88
CA TRP B 211 1.44 -16.81 5.06
C TRP B 211 0.79 -17.42 6.33
N LEU B 212 1.59 -17.60 7.40
CA LEU B 212 1.15 -18.06 8.71
C LEU B 212 1.37 -16.88 9.63
N VAL B 213 0.26 -16.33 10.11
CA VAL B 213 0.25 -15.11 10.91
C VAL B 213 -0.23 -15.35 12.35
N HIS B 214 0.17 -14.49 13.28
CA HIS B 214 -0.28 -14.60 14.67
C HIS B 214 -1.76 -14.19 14.78
N LYS B 215 -2.45 -14.74 15.78
CA LYS B 215 -3.86 -14.48 16.07
C LYS B 215 -4.09 -13.00 16.45
N GLU B 216 -3.29 -12.48 17.41
CA GLU B 216 -3.31 -11.10 17.91
C GLU B 216 -3.05 -10.11 16.79
N TRP B 217 -2.10 -10.41 15.89
CA TRP B 217 -1.79 -9.54 14.77
C TRP B 217 -2.95 -9.46 13.78
N PHE B 218 -3.49 -10.62 13.39
CA PHE B 218 -4.63 -10.70 12.47
C PHE B 218 -5.86 -9.94 12.94
N HIS B 219 -6.21 -10.04 14.22
CA HIS B 219 -7.41 -9.38 14.72
C HIS B 219 -7.28 -7.87 14.85
N ASP B 220 -6.06 -7.36 14.99
CA ASP B 220 -5.81 -5.92 15.14
C ASP B 220 -5.47 -5.22 13.80
N ILE B 221 -5.78 -5.87 12.64
CA ILE B 221 -5.54 -5.28 11.29
C ILE B 221 -6.54 -4.13 11.08
N PRO B 222 -6.08 -2.89 10.87
CA PRO B 222 -7.03 -1.77 10.69
C PRO B 222 -7.56 -1.65 9.26
N LEU B 223 -8.48 -2.55 8.88
CA LEU B 223 -9.10 -2.55 7.56
C LEU B 223 -10.57 -2.96 7.71
N PRO B 224 -11.47 -2.65 6.73
CA PRO B 224 -12.87 -3.12 6.86
C PRO B 224 -12.95 -4.66 6.85
N TRP B 225 -13.83 -5.28 7.68
CA TRP B 225 -13.91 -6.74 7.81
C TRP B 225 -15.33 -7.32 7.95
N HIS B 226 -15.45 -8.64 7.69
CA HIS B 226 -16.65 -9.44 7.85
C HIS B 226 -16.25 -10.82 8.33
N ALA B 227 -17.02 -11.42 9.25
CA ALA B 227 -16.71 -12.73 9.80
C ALA B 227 -17.31 -13.87 8.97
N GLY B 228 -16.49 -14.90 8.69
CA GLY B 228 -16.89 -16.05 7.90
C GLY B 228 -16.84 -15.81 6.39
N ALA B 229 -17.77 -16.43 5.63
CA ALA B 229 -17.80 -16.31 4.16
C ALA B 229 -19.08 -15.68 3.60
N PRO B 234 -21.92 -9.23 1.69
CA PRO B 234 -21.35 -9.18 3.03
C PRO B 234 -21.46 -7.80 3.68
N HIS B 235 -21.58 -7.78 5.03
CA HIS B 235 -21.62 -6.56 5.78
C HIS B 235 -20.20 -6.15 6.21
N TRP B 236 -19.73 -5.01 5.71
CA TRP B 236 -18.39 -4.56 6.06
C TRP B 236 -18.41 -3.68 7.31
N ASN B 237 -17.70 -4.16 8.37
CA ASN B 237 -17.52 -3.44 9.62
C ASN B 237 -16.29 -2.57 9.44
N ASN B 238 -16.33 -1.32 9.91
CA ASN B 238 -15.22 -0.36 9.83
C ASN B 238 -14.86 0.00 8.37
N LYS B 239 -15.86 0.36 7.54
CA LYS B 239 -15.65 0.83 6.14
C LYS B 239 -14.82 2.11 6.14
N GLU B 240 -14.92 2.88 7.26
CA GLU B 240 -14.20 4.13 7.52
C GLU B 240 -12.69 3.99 7.32
N ALA B 241 -12.15 2.79 7.56
CA ALA B 241 -10.73 2.48 7.40
C ALA B 241 -10.24 2.72 5.96
N LEU B 242 -11.15 2.73 4.96
CA LEU B 242 -10.78 2.92 3.55
C LEU B 242 -11.47 4.09 2.87
N VAL B 243 -12.21 4.87 3.66
CA VAL B 243 -12.96 6.01 3.17
C VAL B 243 -12.58 7.28 3.92
N GLU B 244 -12.20 8.30 3.16
CA GLU B 244 -11.79 9.61 3.65
C GLU B 244 -12.83 10.68 3.24
N PHE B 245 -13.29 11.43 4.23
CA PHE B 245 -14.19 12.55 4.01
C PHE B 245 -13.42 13.86 4.08
N LYS B 246 -13.62 14.71 3.11
CA LYS B 246 -12.96 16.02 3.05
C LYS B 246 -13.99 17.13 2.85
N ASP B 247 -14.03 18.17 3.72
CA ASP B 247 -15.01 19.25 3.50
C ASP B 247 -14.64 20.05 2.26
N ALA B 248 -15.63 20.31 1.37
CA ALA B 248 -15.46 21.02 0.10
C ALA B 248 -16.32 22.29 -0.06
N HIS B 249 -17.62 22.22 0.31
CA HIS B 249 -18.56 23.35 0.21
C HIS B 249 -19.67 23.33 1.30
N ALA B 250 -20.68 24.26 1.19
CA ALA B 250 -21.82 24.40 2.14
C ALA B 250 -22.89 23.33 1.99
N LYS B 251 -23.08 22.83 0.76
CA LYS B 251 -24.08 21.81 0.42
C LYS B 251 -23.45 20.50 -0.06
N ARG B 252 -22.10 20.46 -0.13
CA ARG B 252 -21.34 19.28 -0.56
C ARG B 252 -20.03 19.11 0.23
N GLN B 253 -19.62 17.86 0.40
CA GLN B 253 -18.41 17.42 1.08
C GLN B 253 -17.82 16.36 0.17
N THR B 254 -16.50 16.26 0.06
CA THR B 254 -15.89 15.26 -0.82
C THR B 254 -15.58 13.93 -0.10
N VAL B 255 -15.87 12.82 -0.76
CA VAL B 255 -15.58 11.52 -0.20
C VAL B 255 -14.73 10.76 -1.20
N VAL B 256 -13.63 10.17 -0.69
CA VAL B 256 -12.68 9.46 -1.54
C VAL B 256 -12.16 8.13 -0.90
N VAL B 257 -11.91 7.13 -1.74
CA VAL B 257 -11.33 5.84 -1.33
C VAL B 257 -9.83 5.99 -1.11
N LEU B 258 -9.31 5.29 -0.08
CA LEU B 258 -7.91 5.32 0.35
C LEU B 258 -6.89 4.64 -0.59
N GLY B 259 -7.37 3.81 -1.51
CA GLY B 259 -6.43 3.13 -2.44
C GLY B 259 -6.00 1.80 -1.86
N SER B 260 -5.60 0.87 -2.75
CA SER B 260 -5.18 -0.49 -2.40
C SER B 260 -4.08 -0.56 -1.33
N GLN B 261 -4.32 -1.39 -0.31
CA GLN B 261 -3.44 -1.64 0.84
C GLN B 261 -2.61 -2.93 0.68
N GLU B 262 -2.66 -3.58 -0.51
CA GLU B 262 -1.90 -4.81 -0.80
C GLU B 262 -0.40 -4.71 -0.47
N GLY B 263 0.24 -3.64 -0.94
CA GLY B 263 1.66 -3.38 -0.70
C GLY B 263 2.02 -3.20 0.75
N ALA B 264 1.26 -2.33 1.47
CA ALA B 264 1.41 -2.00 2.89
C ALA B 264 1.29 -3.27 3.75
N VAL B 265 0.30 -4.12 3.45
CA VAL B 265 0.05 -5.39 4.15
C VAL B 265 1.21 -6.34 3.89
N HIS B 266 1.66 -6.40 2.63
CA HIS B 266 2.76 -7.24 2.19
C HIS B 266 4.06 -6.88 2.92
N THR B 267 4.35 -5.58 3.08
CA THR B 267 5.59 -5.15 3.77
C THR B 267 5.46 -5.34 5.30
N ALA B 268 4.23 -5.29 5.84
CA ALA B 268 3.94 -5.53 7.26
C ALA B 268 4.17 -7.00 7.60
N LEU B 269 4.00 -7.89 6.58
CA LEU B 269 4.18 -9.34 6.65
C LEU B 269 5.65 -9.76 6.45
N ALA B 270 6.58 -8.80 6.33
CA ALA B 270 8.01 -9.09 6.21
C ALA B 270 8.50 -9.81 7.48
N GLY B 271 9.38 -10.79 7.31
CA GLY B 271 9.90 -11.58 8.43
C GLY B 271 8.96 -12.70 8.87
N ALA B 272 7.62 -12.46 8.79
CA ALA B 272 6.56 -13.43 9.13
C ALA B 272 6.68 -14.68 8.24
N LEU B 273 6.29 -15.85 8.77
CA LEU B 273 6.39 -17.12 8.06
C LEU B 273 5.50 -17.19 6.84
N GLU B 274 6.10 -17.46 5.66
CA GLU B 274 5.40 -17.56 4.39
C GLU B 274 4.96 -18.99 4.14
N ALA B 275 3.82 -19.17 3.50
CA ALA B 275 3.23 -20.48 3.23
C ALA B 275 2.89 -20.60 1.75
N GLU B 276 2.32 -21.73 1.36
CA GLU B 276 2.00 -22.03 -0.03
C GLU B 276 0.69 -22.80 -0.05
N MET B 277 0.14 -23.04 -1.25
CA MET B 277 -1.08 -23.82 -1.42
C MET B 277 -0.79 -25.05 -2.27
N ASP B 278 -1.56 -26.13 -2.05
CA ASP B 278 -1.46 -27.40 -2.78
C ASP B 278 -2.92 -27.84 -3.02
N GLY B 279 -3.57 -27.13 -3.93
CA GLY B 279 -4.97 -27.35 -4.26
C GLY B 279 -5.83 -26.58 -3.29
N ALA B 280 -6.70 -27.27 -2.55
CA ALA B 280 -7.55 -26.64 -1.54
C ALA B 280 -6.92 -26.76 -0.13
N LYS B 281 -5.71 -27.36 -0.07
CA LYS B 281 -4.97 -27.58 1.17
C LYS B 281 -3.77 -26.64 1.30
N GLY B 282 -3.50 -26.20 2.52
CA GLY B 282 -2.35 -25.35 2.83
C GLY B 282 -1.07 -26.14 2.97
N ARG B 283 0.07 -25.57 2.56
CA ARG B 283 1.35 -26.28 2.64
C ARG B 283 2.37 -25.55 3.49
N LEU B 284 2.80 -26.18 4.58
CA LEU B 284 3.80 -25.64 5.50
C LEU B 284 5.23 -25.89 4.98
N SER B 285 5.83 -24.81 4.50
CA SER B 285 7.19 -24.76 3.93
C SER B 285 8.25 -25.15 4.98
N SER B 286 7.96 -24.91 6.27
CA SER B 286 8.84 -25.20 7.39
C SER B 286 8.20 -26.17 8.38
N GLY B 287 8.98 -27.17 8.82
CA GLY B 287 8.56 -28.23 9.75
C GLY B 287 9.70 -29.17 10.17
N HIS B 288 9.48 -29.95 11.24
CA HIS B 288 10.41 -30.88 11.90
C HIS B 288 9.65 -32.13 12.38
N LEU B 289 10.17 -33.34 12.10
CA LEU B 289 9.51 -34.61 12.46
C LEU B 289 10.50 -35.67 12.97
N LYS B 290 10.31 -36.15 14.20
CA LYS B 290 11.16 -37.19 14.81
C LYS B 290 10.57 -38.58 14.53
N CYS B 291 11.31 -39.45 13.83
CA CYS B 291 10.82 -40.81 13.54
C CYS B 291 11.72 -41.91 14.09
N ARG B 292 11.10 -42.99 14.52
CA ARG B 292 11.81 -44.21 14.92
C ARG B 292 11.55 -45.22 13.79
N LEU B 293 12.62 -45.74 13.18
CA LEU B 293 12.50 -46.69 12.05
C LEU B 293 12.69 -48.14 12.48
N LYS B 294 11.80 -49.04 12.05
CA LYS B 294 11.85 -50.47 12.36
C LYS B 294 12.59 -51.14 11.20
N MET B 295 13.77 -51.70 11.52
CA MET B 295 14.70 -52.34 10.59
C MET B 295 14.58 -53.89 10.41
N ASP B 296 13.87 -54.60 11.31
CA ASP B 296 13.71 -56.07 11.31
C ASP B 296 13.27 -56.66 9.98
N LYS B 297 12.31 -55.99 9.28
CA LYS B 297 11.72 -56.46 8.02
C LYS B 297 12.42 -55.92 6.77
N LEU B 298 13.46 -55.12 6.97
CA LEU B 298 14.23 -54.61 5.85
C LEU B 298 15.22 -55.68 5.41
N ARG B 299 15.30 -55.93 4.10
CA ARG B 299 16.16 -56.98 3.59
C ARG B 299 16.92 -56.60 2.31
N LEU B 300 18.15 -57.13 2.17
CA LEU B 300 18.97 -56.90 0.99
C LEU B 300 18.48 -57.68 -0.23
N LYS B 301 17.69 -57.05 -1.14
CA LYS B 301 17.27 -57.73 -2.38
C LYS B 301 18.53 -58.04 -3.26
N GLY B 302 18.59 -59.24 -3.82
CA GLY B 302 19.69 -59.73 -4.67
C GLY B 302 20.96 -60.27 -4.02
N VAL B 303 20.85 -61.05 -2.92
CA VAL B 303 22.06 -61.64 -2.30
C VAL B 303 22.39 -62.93 -3.05
N SER B 304 21.36 -63.52 -3.69
CA SER B 304 21.41 -64.72 -4.54
C SER B 304 22.13 -64.44 -5.87
N TYR B 305 22.28 -63.14 -6.24
CA TYR B 305 22.89 -62.71 -7.50
C TYR B 305 24.36 -63.10 -7.58
N SER B 306 24.79 -63.41 -8.79
CA SER B 306 26.18 -63.74 -9.07
C SER B 306 26.88 -62.44 -9.41
N LEU B 307 28.21 -62.40 -9.27
CA LEU B 307 29.01 -61.22 -9.61
C LEU B 307 28.92 -60.99 -11.12
N CYS B 308 28.78 -59.71 -11.56
CA CYS B 308 28.71 -59.41 -13.00
C CYS B 308 30.05 -59.79 -13.62
N THR B 309 30.01 -60.56 -14.71
CA THR B 309 31.23 -61.05 -15.33
C THR B 309 31.74 -60.14 -16.49
N ALA B 310 30.82 -59.44 -17.21
CA ALA B 310 31.18 -58.60 -18.35
C ALA B 310 31.77 -57.22 -17.98
N ALA B 311 32.14 -56.41 -19.00
CA ALA B 311 32.76 -55.09 -18.83
C ALA B 311 31.79 -53.94 -18.55
N PHE B 312 32.27 -53.04 -17.66
CA PHE B 312 31.63 -51.80 -17.24
C PHE B 312 32.36 -50.64 -17.89
N THR B 313 31.64 -49.51 -18.09
CA THR B 313 32.20 -48.27 -18.65
C THR B 313 31.57 -47.10 -17.92
N PHE B 314 32.39 -46.12 -17.49
CA PHE B 314 31.88 -44.92 -16.81
C PHE B 314 31.06 -44.07 -17.77
N THR B 315 29.77 -43.83 -17.43
CA THR B 315 28.83 -43.00 -18.20
C THR B 315 29.03 -41.58 -17.75
N LYS B 316 29.11 -41.41 -16.42
CA LYS B 316 29.34 -40.13 -15.77
C LYS B 316 30.71 -40.17 -15.07
N ILE B 317 31.45 -39.05 -15.09
CA ILE B 317 32.71 -38.92 -14.36
C ILE B 317 32.44 -38.93 -12.85
N PRO B 318 33.17 -39.74 -12.06
CA PRO B 318 32.99 -39.72 -10.60
C PRO B 318 33.09 -38.31 -10.02
N ALA B 319 32.07 -37.93 -9.25
CA ALA B 319 31.90 -36.62 -8.66
C ALA B 319 31.72 -36.69 -7.17
N GLU B 320 32.43 -35.81 -6.47
CA GLU B 320 32.41 -35.60 -5.02
C GLU B 320 31.16 -34.79 -4.63
N THR B 321 30.43 -35.23 -3.62
CA THR B 321 29.27 -34.49 -3.12
C THR B 321 29.77 -33.53 -2.06
N LEU B 322 28.90 -32.62 -1.58
CA LEU B 322 29.25 -31.64 -0.54
C LEU B 322 29.87 -32.26 0.74
N HIS B 323 29.51 -33.51 1.04
CA HIS B 323 29.94 -34.28 2.22
C HIS B 323 31.15 -35.20 1.95
N GLY B 324 31.75 -35.09 0.77
CA GLY B 324 32.94 -35.86 0.40
C GLY B 324 32.71 -37.26 -0.13
N THR B 325 31.42 -37.63 -0.34
CA THR B 325 31.21 -38.95 -0.90
C THR B 325 31.41 -38.89 -2.43
N VAL B 326 31.54 -40.06 -3.08
CA VAL B 326 31.75 -40.06 -4.52
C VAL B 326 30.68 -40.87 -5.18
N THR B 327 29.98 -40.24 -6.12
CA THR B 327 28.92 -40.85 -6.91
C THR B 327 29.54 -41.35 -8.19
N VAL B 328 29.18 -42.58 -8.59
CA VAL B 328 29.72 -43.26 -9.75
C VAL B 328 28.54 -43.79 -10.56
N GLU B 329 28.54 -43.54 -11.87
CA GLU B 329 27.52 -44.07 -12.77
C GLU B 329 28.21 -44.86 -13.83
N VAL B 330 27.82 -46.14 -13.96
CA VAL B 330 28.44 -47.07 -14.91
C VAL B 330 27.40 -47.68 -15.84
N GLN B 331 27.84 -48.10 -17.05
CA GLN B 331 27.02 -48.78 -18.04
C GLN B 331 27.51 -50.20 -18.15
N TYR B 332 26.61 -51.15 -18.39
CA TYR B 332 27.02 -52.55 -18.42
C TYR B 332 26.72 -53.31 -19.72
N ALA B 333 27.79 -53.75 -20.40
CA ALA B 333 27.78 -54.47 -21.67
C ALA B 333 27.16 -55.89 -21.64
N GLY B 334 27.14 -56.52 -20.47
CA GLY B 334 26.65 -57.89 -20.31
C GLY B 334 25.15 -58.11 -20.28
N THR B 335 24.76 -59.38 -20.53
CA THR B 335 23.37 -59.86 -20.58
C THR B 335 23.06 -60.83 -19.42
N ASP B 336 24.02 -61.02 -18.47
CA ASP B 336 23.86 -61.94 -17.32
C ASP B 336 23.19 -61.28 -16.07
N GLY B 337 22.41 -60.23 -16.31
CA GLY B 337 21.63 -59.54 -15.28
C GLY B 337 20.43 -60.36 -14.82
N PRO B 338 19.96 -60.22 -13.56
CA PRO B 338 20.47 -59.36 -12.51
C PRO B 338 21.76 -59.89 -11.88
N CYS B 339 22.74 -59.01 -11.65
CA CYS B 339 24.02 -59.45 -11.07
C CYS B 339 24.66 -58.38 -10.17
N LYS B 340 25.55 -58.80 -9.25
CA LYS B 340 26.28 -57.96 -8.29
C LYS B 340 27.40 -57.13 -8.97
N VAL B 341 27.39 -55.81 -8.71
CA VAL B 341 28.43 -54.93 -9.25
C VAL B 341 29.70 -55.09 -8.35
N PRO B 342 30.83 -55.61 -8.93
CA PRO B 342 32.11 -55.63 -8.18
C PRO B 342 32.57 -54.15 -8.03
N ALA B 343 32.58 -53.65 -6.78
CA ALA B 343 32.85 -52.27 -6.44
C ALA B 343 33.59 -52.16 -5.12
N GLN B 344 34.67 -51.36 -5.15
CA GLN B 344 35.54 -51.03 -4.03
C GLN B 344 36.41 -49.84 -4.39
N MET B 345 37.27 -49.51 -3.44
CA MET B 345 38.33 -48.57 -3.57
C MET B 345 39.60 -49.26 -3.12
N ALA B 346 40.72 -48.96 -3.78
CA ALA B 346 42.01 -49.54 -3.49
C ALA B 346 43.09 -48.51 -3.47
N VAL B 347 44.11 -48.72 -2.64
CA VAL B 347 45.28 -47.85 -2.59
C VAL B 347 46.37 -48.39 -3.59
N ASP B 348 46.44 -49.71 -3.81
CA ASP B 348 47.39 -50.31 -4.76
C ASP B 348 46.71 -51.38 -5.61
N MET B 349 46.94 -51.30 -6.93
CA MET B 349 46.33 -52.08 -7.99
C MET B 349 46.86 -53.51 -8.17
N GLN B 350 47.85 -53.92 -7.36
CA GLN B 350 48.36 -55.28 -7.39
C GLN B 350 47.61 -56.06 -6.32
N THR B 351 47.71 -55.58 -5.05
CA THR B 351 47.11 -56.15 -3.84
C THR B 351 45.58 -56.03 -3.86
N LEU B 352 45.05 -54.82 -4.23
CA LEU B 352 43.62 -54.47 -4.30
C LEU B 352 42.87 -54.70 -2.99
N THR B 353 43.55 -54.57 -1.82
CA THR B 353 42.83 -54.71 -0.55
C THR B 353 41.91 -53.51 -0.39
N PRO B 354 40.61 -53.75 -0.10
CA PRO B 354 39.66 -52.62 0.00
C PRO B 354 40.05 -51.55 1.02
N VAL B 355 39.78 -50.30 0.65
CA VAL B 355 39.98 -49.11 1.47
C VAL B 355 38.60 -48.40 1.44
N GLY B 356 38.34 -47.55 2.43
CA GLY B 356 37.06 -46.83 2.55
C GLY B 356 35.92 -47.80 2.68
N ARG B 357 34.73 -47.38 2.23
CA ARG B 357 33.51 -48.21 2.26
C ARG B 357 32.47 -47.68 1.28
N LEU B 358 31.49 -48.52 0.92
CA LEU B 358 30.38 -48.09 0.07
C LEU B 358 29.29 -47.44 0.94
N ILE B 359 28.54 -46.48 0.38
CA ILE B 359 27.36 -45.91 1.02
C ILE B 359 26.24 -46.86 0.53
N THR B 360 26.23 -47.15 -0.79
CA THR B 360 25.29 -48.07 -1.45
C THR B 360 25.63 -49.51 -1.08
N ALA B 361 24.81 -50.12 -0.21
CA ALA B 361 25.03 -51.51 0.16
C ALA B 361 24.51 -52.38 -0.97
N ASN B 362 25.34 -53.37 -1.40
CA ASN B 362 25.04 -54.33 -2.46
C ASN B 362 24.66 -53.67 -3.81
N PRO B 363 25.62 -53.04 -4.52
CA PRO B 363 25.28 -52.45 -5.84
C PRO B 363 24.99 -53.56 -6.86
N VAL B 364 23.92 -53.41 -7.67
CA VAL B 364 23.52 -54.45 -8.66
C VAL B 364 23.05 -53.87 -10.01
N ILE B 365 23.17 -54.73 -11.05
CA ILE B 365 22.68 -54.53 -12.41
C ILE B 365 21.39 -55.34 -12.39
N THR B 366 20.27 -54.67 -12.19
CA THR B 366 18.97 -55.30 -12.03
C THR B 366 18.39 -55.89 -13.34
N GLU B 367 18.76 -55.36 -14.51
CA GLU B 367 18.22 -55.82 -15.80
C GLU B 367 19.12 -56.83 -16.54
N SER B 368 18.47 -57.79 -17.27
CA SER B 368 19.13 -58.83 -18.09
C SER B 368 19.46 -58.36 -19.53
N THR B 369 19.34 -57.02 -19.75
CA THR B 369 19.56 -56.31 -21.01
C THR B 369 20.96 -55.72 -21.08
N GLU B 370 21.54 -55.66 -22.29
CA GLU B 370 22.86 -55.07 -22.53
C GLU B 370 22.80 -53.53 -22.49
N ASN B 371 23.92 -52.88 -22.10
CA ASN B 371 24.15 -51.43 -22.00
C ASN B 371 23.18 -50.70 -21.02
N SER B 372 22.87 -51.35 -19.89
CA SER B 372 22.04 -50.77 -18.82
C SER B 372 22.91 -49.96 -17.86
N LYS B 373 22.37 -48.83 -17.38
CA LYS B 373 23.07 -47.93 -16.46
C LYS B 373 22.72 -48.24 -15.00
N MET B 374 23.56 -47.80 -14.08
CA MET B 374 23.46 -48.04 -12.66
C MET B 374 24.33 -46.98 -11.93
N MET B 375 23.90 -46.54 -10.76
CA MET B 375 24.64 -45.56 -9.98
C MET B 375 24.93 -46.08 -8.56
N LEU B 376 26.12 -45.77 -8.03
CA LEU B 376 26.52 -46.14 -6.68
C LEU B 376 27.28 -45.00 -6.00
N GLU B 377 27.37 -45.03 -4.69
CA GLU B 377 27.99 -43.99 -3.88
C GLU B 377 28.99 -44.62 -2.94
N LEU B 378 30.19 -44.01 -2.88
CA LEU B 378 31.30 -44.50 -2.09
C LEU B 378 31.76 -43.47 -1.09
N ASP B 379 32.41 -43.94 -0.02
CA ASP B 379 32.97 -43.11 1.04
C ASP B 379 34.48 -43.36 1.03
N PRO B 380 35.23 -42.56 0.22
CA PRO B 380 36.67 -42.83 0.08
C PRO B 380 37.51 -42.46 1.30
N PRO B 381 38.70 -43.10 1.45
CA PRO B 381 39.59 -42.68 2.55
C PRO B 381 40.19 -41.32 2.19
N PHE B 382 40.90 -40.68 3.13
CA PHE B 382 41.58 -39.42 2.86
C PHE B 382 42.83 -39.68 2.01
N GLY B 383 43.20 -38.71 1.20
CA GLY B 383 44.34 -38.83 0.30
C GLY B 383 43.95 -39.50 -1.00
N ASP B 384 44.94 -40.08 -1.66
CA ASP B 384 44.78 -40.80 -2.92
C ASP B 384 44.24 -42.22 -2.75
N SER B 385 43.42 -42.65 -3.71
CA SER B 385 42.89 -43.99 -3.86
C SER B 385 42.37 -44.19 -5.29
N TYR B 386 42.05 -45.44 -5.66
CA TYR B 386 41.47 -45.79 -6.96
C TYR B 386 40.06 -46.31 -6.80
N ILE B 387 39.11 -45.85 -7.64
CA ILE B 387 37.75 -46.38 -7.67
C ILE B 387 37.85 -47.56 -8.67
N VAL B 388 37.61 -48.80 -8.20
CA VAL B 388 37.71 -50.00 -9.05
C VAL B 388 36.30 -50.57 -9.22
N ILE B 389 35.88 -50.68 -10.49
CA ILE B 389 34.57 -51.22 -10.89
C ILE B 389 34.84 -52.31 -11.89
N GLY B 390 34.28 -53.48 -11.62
CA GLY B 390 34.42 -54.66 -12.46
C GLY B 390 35.49 -55.62 -11.98
N VAL B 391 35.51 -56.84 -12.57
CA VAL B 391 36.49 -57.91 -12.28
C VAL B 391 37.42 -58.17 -13.44
N GLY B 392 38.57 -58.73 -13.13
CA GLY B 392 39.56 -59.15 -14.11
C GLY B 392 40.21 -58.08 -14.96
N GLU B 393 40.68 -58.50 -16.15
CA GLU B 393 41.38 -57.63 -17.09
C GLU B 393 40.60 -56.42 -17.53
N LYS B 394 39.28 -56.58 -17.78
CA LYS B 394 38.38 -55.51 -18.25
C LYS B 394 37.92 -54.53 -17.15
N LYS B 395 38.41 -54.69 -15.89
CA LYS B 395 38.04 -53.80 -14.79
C LYS B 395 38.42 -52.38 -15.09
N ILE B 396 37.54 -51.43 -14.74
CA ILE B 396 37.75 -49.99 -14.95
C ILE B 396 38.16 -49.36 -13.63
N THR B 397 39.10 -48.43 -13.73
CA THR B 397 39.77 -47.70 -12.67
C THR B 397 39.58 -46.17 -12.82
N HIS B 398 39.53 -45.44 -11.69
CA HIS B 398 39.49 -44.00 -11.67
C HIS B 398 40.29 -43.48 -10.48
N HIS B 399 41.34 -42.68 -10.72
CA HIS B 399 42.13 -42.15 -9.62
C HIS B 399 41.31 -41.10 -8.88
N TRP B 400 41.36 -41.12 -7.54
CA TRP B 400 40.60 -40.24 -6.67
C TRP B 400 41.46 -39.69 -5.55
N HIS B 401 41.22 -38.41 -5.22
CA HIS B 401 41.87 -37.72 -4.13
C HIS B 401 40.83 -37.04 -3.28
N ARG B 402 40.89 -37.27 -1.96
CA ARG B 402 40.01 -36.69 -0.94
C ARG B 402 40.89 -35.88 0.02
N SER B 403 40.48 -34.64 0.31
CA SER B 403 41.19 -33.69 1.18
C SER B 403 40.38 -33.29 2.40
#